data_7PUV
#
_entry.id   7PUV
#
_cell.length_a   77.434
_cell.length_b   74.460
_cell.length_c   91.913
_cell.angle_alpha   90.000
_cell.angle_beta   108.950
_cell.angle_gamma   90.000
#
_symmetry.space_group_name_H-M   'P 1 21 1'
#
loop_
_entity.id
_entity.type
_entity.pdbx_description
1 polymer 'Carbonic anhydrase 12'
2 non-polymer 'ZINC ION'
3 non-polymer 1,2-ETHANEDIOL
4 non-polymer 'methyl 4-chloranyl-2-(phenylsulfonyl)-5-sulfamoyl-benzoate'
5 non-polymer DI(HYDROXYETHYL)ETHER
6 water water
#
_entity_poly.entity_id   1
_entity_poly.type   'polypeptide(L)'
_entity_poly.pdbx_seq_one_letter_code
;MSKWTYFGPDGENSWSKKYPSCGGLLQSPIDLHSDILQYDASLTPLEFQGYNLSANKQFLLTNNGHSVKLNLPSDMHIQG
LQSRYSATQLHLHWGNPNDPHGSEHTVSGQHFAAELHIVHYNSDLYPDASTASNKSEGLAVLAVLIEMGSFNPSYDKIFS
HLQHVKYKGQEAFVPGFNIEELLPERTAEYYRYRGSLTTPPCNPTVLWTVFRNPVQISQEQLLALETALYCTHMDDPSPR
EMINNFRQVQKFDERLVYTSFSQ
;
_entity_poly.pdbx_strand_id   A,B,C,D
#
# COMPACT_ATOMS: atom_id res chain seq x y z
N LYS A 3 -7.20 -11.74 -32.75
CA LYS A 3 -7.87 -10.67 -31.93
C LYS A 3 -6.87 -9.78 -31.17
N TRP A 4 -5.57 -10.10 -31.18
CA TRP A 4 -4.49 -9.34 -30.58
C TRP A 4 -3.17 -9.86 -31.12
N THR A 5 -2.15 -9.00 -31.12
CA THR A 5 -0.82 -9.34 -31.60
C THR A 5 0.17 -8.65 -30.69
N TYR A 6 1.45 -8.82 -31.05
CA TYR A 6 2.53 -8.10 -30.40
C TYR A 6 3.08 -6.99 -31.30
N PHE A 7 2.42 -6.75 -32.44
CA PHE A 7 2.97 -5.82 -33.42
C PHE A 7 1.85 -5.21 -34.25
N GLY A 8 2.01 -3.93 -34.58
CA GLY A 8 1.08 -3.32 -35.52
C GLY A 8 -0.12 -2.78 -34.74
N PRO A 9 -1.28 -2.56 -35.38
CA PRO A 9 -2.40 -1.88 -34.72
C PRO A 9 -3.11 -2.66 -33.63
N ASP A 10 -2.82 -3.98 -33.54
CA ASP A 10 -3.52 -4.84 -32.58
C ASP A 10 -2.58 -5.22 -31.45
N GLY A 11 -1.46 -4.49 -31.31
CA GLY A 11 -0.38 -4.81 -30.38
C GLY A 11 -0.73 -4.38 -28.97
N GLU A 12 0.27 -4.42 -28.07
CA GLU A 12 -0.05 -4.44 -26.63
C GLU A 12 -0.65 -3.11 -26.13
N ASN A 13 -0.33 -1.97 -26.77
CA ASN A 13 -0.96 -0.72 -26.32
C ASN A 13 -2.47 -0.72 -26.54
N SER A 14 -2.96 -1.59 -27.43
CA SER A 14 -4.38 -1.65 -27.79
C SER A 14 -5.11 -2.79 -27.12
N TRP A 15 -4.45 -3.67 -26.38
CA TRP A 15 -5.13 -4.83 -25.78
C TRP A 15 -6.25 -4.40 -24.86
N SER A 16 -6.10 -3.24 -24.21
CA SER A 16 -7.06 -2.83 -23.23
C SER A 16 -8.42 -2.53 -23.84
N LYS A 17 -8.49 -2.30 -25.15
N LYS A 17 -8.49 -2.29 -25.15
CA LYS A 17 -9.80 -2.00 -25.75
CA LYS A 17 -9.82 -1.98 -25.72
C LYS A 17 -10.75 -3.19 -25.64
C LYS A 17 -10.75 -3.18 -25.61
N LYS A 18 -10.29 -4.40 -25.94
N LYS A 18 -10.27 -4.38 -25.99
CA LYS A 18 -11.18 -5.56 -25.87
CA LYS A 18 -11.09 -5.57 -25.89
C LYS A 18 -10.91 -6.42 -24.63
C LYS A 18 -11.04 -6.17 -24.49
N TYR A 19 -9.83 -6.12 -23.89
CA TYR A 19 -9.50 -6.87 -22.67
C TYR A 19 -9.23 -5.81 -21.60
N PRO A 20 -10.22 -5.31 -20.89
CA PRO A 20 -10.04 -4.16 -20.02
C PRO A 20 -9.04 -4.38 -18.88
N SER A 21 -8.86 -5.63 -18.41
CA SER A 21 -7.87 -5.86 -17.36
C SER A 21 -6.47 -5.47 -17.81
N CYS A 22 -6.18 -5.43 -19.13
CA CYS A 22 -4.81 -5.14 -19.58
C CYS A 22 -4.48 -3.67 -19.31
N GLY A 23 -5.47 -2.84 -18.93
CA GLY A 23 -5.21 -1.52 -18.40
C GLY A 23 -5.51 -1.33 -16.93
N GLY A 24 -5.73 -2.44 -16.21
CA GLY A 24 -6.07 -2.39 -14.78
C GLY A 24 -4.84 -2.52 -13.92
N LEU A 25 -5.08 -2.91 -12.67
CA LEU A 25 -4.03 -3.06 -11.69
C LEU A 25 -3.27 -4.38 -11.82
N LEU A 26 -2.14 -4.41 -11.13
CA LEU A 26 -1.33 -5.59 -10.87
C LEU A 26 -0.75 -6.19 -12.16
N GLN A 27 -0.44 -5.36 -13.18
CA GLN A 27 0.00 -5.94 -14.45
C GLN A 27 1.45 -6.42 -14.42
N SER A 28 1.64 -7.55 -15.16
CA SER A 28 2.93 -8.17 -15.35
C SER A 28 3.28 -8.11 -16.83
N PRO A 29 4.58 -8.22 -17.24
CA PRO A 29 5.72 -8.46 -16.34
C PRO A 29 6.22 -7.14 -15.77
N ILE A 30 7.33 -7.26 -14.98
CA ILE A 30 7.99 -6.14 -14.36
C ILE A 30 9.50 -6.31 -14.32
N ASP A 31 10.18 -5.20 -14.13
CA ASP A 31 11.60 -5.18 -13.87
C ASP A 31 11.81 -5.60 -12.42
N LEU A 32 12.62 -6.63 -12.25
CA LEU A 32 12.99 -7.05 -10.91
C LEU A 32 14.28 -6.32 -10.59
N HIS A 33 14.17 -5.11 -10.06
N HIS A 33 14.09 -5.18 -9.89
CA HIS A 33 15.43 -4.43 -9.84
CA HIS A 33 15.08 -4.13 -9.66
C HIS A 33 15.70 -4.42 -8.35
C HIS A 33 15.64 -4.23 -8.23
N SER A 34 16.95 -4.10 -8.00
CA SER A 34 17.47 -4.24 -6.64
C SER A 34 16.67 -3.43 -5.61
N ASP A 35 16.15 -2.25 -5.98
CA ASP A 35 15.56 -1.34 -4.99
C ASP A 35 14.20 -1.82 -4.50
N ILE A 36 13.54 -2.73 -5.24
CA ILE A 36 12.21 -3.16 -4.81
C ILE A 36 12.24 -4.60 -4.30
N LEU A 37 13.43 -5.24 -4.22
CA LEU A 37 13.52 -6.61 -3.70
C LEU A 37 13.55 -6.61 -2.16
N GLN A 38 12.88 -7.59 -1.54
CA GLN A 38 12.83 -7.72 -0.08
C GLN A 38 12.88 -9.20 0.28
N TYR A 39 13.93 -9.62 1.02
CA TYR A 39 14.03 -11.00 1.47
C TYR A 39 12.85 -11.32 2.38
N ASP A 40 12.27 -12.51 2.17
CA ASP A 40 11.16 -13.00 2.97
C ASP A 40 11.43 -14.46 3.33
N ALA A 41 11.66 -14.73 4.62
CA ALA A 41 12.01 -16.05 5.12
C ALA A 41 10.87 -17.07 4.97
N SER A 42 9.62 -16.60 4.76
CA SER A 42 8.47 -17.47 4.67
C SER A 42 8.44 -18.15 3.29
N LEU A 43 9.32 -17.72 2.39
CA LEU A 43 9.35 -18.29 1.04
C LEU A 43 10.17 -19.56 0.95
N THR A 44 9.51 -20.66 1.23
CA THR A 44 10.10 -21.98 1.37
C THR A 44 10.13 -22.67 0.02
N PRO A 45 10.96 -23.72 -0.14
CA PRO A 45 11.07 -24.33 -1.48
C PRO A 45 9.77 -24.99 -1.93
N LEU A 46 9.40 -24.76 -3.19
CA LEU A 46 8.28 -25.49 -3.75
C LEU A 46 8.71 -26.93 -4.08
N GLU A 47 7.69 -27.80 -4.12
CA GLU A 47 7.85 -29.19 -4.51
C GLU A 47 7.06 -29.43 -5.80
N PHE A 48 7.72 -30.10 -6.76
CA PHE A 48 7.20 -30.25 -8.10
C PHE A 48 6.74 -31.72 -8.24
N GLN A 49 5.42 -31.92 -8.15
CA GLN A 49 4.82 -33.25 -7.99
C GLN A 49 4.24 -33.70 -9.32
N GLY A 50 4.52 -34.94 -9.72
CA GLY A 50 3.96 -35.39 -11.00
C GLY A 50 4.54 -34.72 -12.24
N TYR A 51 5.71 -34.09 -12.09
CA TYR A 51 6.40 -33.51 -13.23
C TYR A 51 7.07 -34.54 -14.13
N ASN A 52 7.34 -35.76 -13.57
CA ASN A 52 7.96 -36.78 -14.39
C ASN A 52 6.87 -37.48 -15.22
N LEU A 53 6.57 -36.90 -16.39
CA LEU A 53 5.45 -37.39 -17.17
C LEU A 53 5.75 -38.75 -17.81
N SER A 54 4.71 -39.59 -17.83
CA SER A 54 4.83 -40.93 -18.34
C SER A 54 5.40 -40.86 -19.75
N ALA A 55 6.53 -41.56 -19.96
CA ALA A 55 7.07 -41.81 -21.28
C ALA A 55 6.03 -42.44 -22.21
N ASN A 56 5.00 -43.10 -21.63
CA ASN A 56 3.99 -43.84 -22.38
C ASN A 56 2.81 -42.95 -22.81
N LYS A 57 2.61 -41.79 -22.15
CA LYS A 57 1.58 -40.84 -22.51
C LYS A 57 2.15 -39.84 -23.53
N GLN A 58 1.26 -39.21 -24.30
CA GLN A 58 1.65 -38.14 -25.23
C GLN A 58 0.83 -36.89 -24.97
N PHE A 59 1.50 -35.74 -25.10
CA PHE A 59 0.93 -34.48 -24.69
C PHE A 59 0.86 -33.56 -25.90
N LEU A 60 -0.25 -32.83 -25.98
CA LEU A 60 -0.56 -32.06 -27.18
C LEU A 60 0.24 -30.75 -27.22
N LEU A 61 1.00 -30.55 -28.30
CA LEU A 61 1.66 -29.30 -28.60
C LEU A 61 0.84 -28.61 -29.67
N THR A 62 0.47 -27.34 -29.44
CA THR A 62 -0.35 -26.54 -30.36
C THR A 62 0.27 -25.16 -30.66
N ASN A 63 0.14 -24.71 -31.90
CA ASN A 63 0.35 -23.31 -32.26
C ASN A 63 -1.03 -22.67 -32.36
N ASN A 64 -1.40 -21.77 -31.43
CA ASN A 64 -2.72 -21.15 -31.55
C ASN A 64 -2.61 -19.75 -32.13
N GLY A 65 -1.39 -19.32 -32.49
CA GLY A 65 -1.21 -18.03 -33.12
C GLY A 65 -0.39 -17.00 -32.31
N HIS A 66 -0.08 -17.24 -31.00
CA HIS A 66 0.60 -16.27 -30.10
C HIS A 66 1.89 -16.81 -29.41
N SER A 67 1.98 -18.15 -29.26
CA SER A 67 3.14 -18.85 -28.70
C SER A 67 3.07 -20.28 -29.17
N VAL A 68 3.90 -21.13 -28.62
CA VAL A 68 3.49 -22.51 -28.82
C VAL A 68 3.19 -23.03 -27.42
N LYS A 69 2.12 -23.86 -27.22
CA LYS A 69 1.75 -24.39 -25.90
C LYS A 69 1.88 -25.91 -25.89
N LEU A 70 2.45 -26.45 -24.79
CA LEU A 70 2.38 -27.88 -24.49
C LEU A 70 1.36 -28.10 -23.36
N ASN A 71 0.34 -28.92 -23.65
CA ASN A 71 -0.65 -29.22 -22.65
C ASN A 71 -0.05 -30.15 -21.60
N LEU A 72 -0.47 -29.97 -20.36
CA LEU A 72 0.05 -30.72 -19.24
C LEU A 72 -1.10 -31.36 -18.49
N PRO A 73 -0.86 -32.52 -17.83
CA PRO A 73 -1.95 -33.20 -17.15
C PRO A 73 -2.20 -32.61 -15.77
N SER A 74 -3.43 -32.74 -15.29
CA SER A 74 -3.80 -32.11 -14.05
C SER A 74 -3.25 -32.78 -12.77
N ASP A 75 -2.70 -33.99 -12.86
CA ASP A 75 -2.10 -34.61 -11.69
C ASP A 75 -0.72 -34.01 -11.43
N MET A 76 -0.16 -33.28 -12.39
CA MET A 76 1.11 -32.56 -12.21
C MET A 76 0.79 -31.31 -11.38
N HIS A 77 1.54 -31.00 -10.33
CA HIS A 77 1.15 -29.87 -9.49
C HIS A 77 2.30 -29.35 -8.65
N ILE A 78 2.11 -28.11 -8.15
CA ILE A 78 3.00 -27.50 -7.18
C ILE A 78 2.48 -27.77 -5.78
N GLN A 79 3.34 -28.29 -4.91
CA GLN A 79 3.07 -28.33 -3.47
C GLN A 79 3.88 -27.24 -2.78
N GLY A 80 3.26 -26.62 -1.76
CA GLY A 80 3.93 -25.61 -0.93
C GLY A 80 3.23 -24.24 -0.91
N LEU A 81 2.31 -23.99 -1.85
CA LEU A 81 1.46 -22.79 -1.79
C LEU A 81 0.25 -23.03 -0.88
N GLN A 82 -0.65 -22.02 -0.77
CA GLN A 82 -1.75 -22.03 0.20
C GLN A 82 -2.88 -22.93 -0.27
N SER A 83 -2.79 -23.29 -1.53
CA SER A 83 -3.65 -24.28 -2.13
C SER A 83 -2.77 -25.10 -3.08
N ARG A 84 -3.27 -26.28 -3.50
CA ARG A 84 -2.62 -27.00 -4.58
C ARG A 84 -2.90 -26.32 -5.90
N TYR A 85 -1.84 -26.08 -6.69
CA TYR A 85 -1.97 -25.54 -8.02
C TYR A 85 -1.52 -26.59 -9.04
N SER A 86 -2.46 -27.01 -9.89
CA SER A 86 -2.28 -28.09 -10.86
C SER A 86 -1.85 -27.52 -12.20
N ALA A 87 -0.95 -28.24 -12.88
CA ALA A 87 -0.49 -27.80 -14.17
C ALA A 87 -1.60 -27.76 -15.20
N THR A 88 -1.47 -26.80 -16.12
CA THR A 88 -2.36 -26.84 -17.30
C THR A 88 -1.61 -26.79 -18.65
N GLN A 89 -0.51 -26.01 -18.69
CA GLN A 89 0.23 -25.89 -19.95
C GLN A 89 1.55 -25.18 -19.72
N LEU A 90 2.52 -25.35 -20.62
CA LEU A 90 3.69 -24.48 -20.65
C LEU A 90 3.84 -23.85 -22.02
N HIS A 91 4.56 -22.72 -22.04
CA HIS A 91 4.84 -21.99 -23.27
C HIS A 91 6.01 -21.05 -23.07
N LEU A 92 6.47 -20.42 -24.18
CA LEU A 92 7.64 -19.56 -24.11
C LEU A 92 7.36 -18.20 -24.74
N HIS A 93 8.30 -17.28 -24.45
CA HIS A 93 8.34 -15.95 -25.06
C HIS A 93 9.75 -15.70 -25.47
N TRP A 94 9.93 -14.95 -26.58
CA TRP A 94 11.27 -14.74 -27.14
C TRP A 94 11.25 -13.49 -28.05
N GLY A 95 12.45 -13.12 -28.51
CA GLY A 95 12.67 -11.93 -29.30
C GLY A 95 12.81 -12.27 -30.77
N ASN A 96 13.97 -11.94 -31.34
CA ASN A 96 14.24 -12.16 -32.76
C ASN A 96 15.72 -12.16 -33.01
N PRO A 97 16.19 -12.73 -34.13
CA PRO A 97 17.62 -12.97 -34.32
C PRO A 97 18.38 -11.65 -34.28
N ASN A 98 17.78 -10.54 -34.73
CA ASN A 98 18.53 -9.29 -34.75
C ASN A 98 18.54 -8.57 -33.38
N ASP A 99 17.69 -9.01 -32.44
CA ASP A 99 17.68 -8.46 -31.09
C ASP A 99 17.19 -9.58 -30.17
N PRO A 100 18.10 -10.54 -29.84
CA PRO A 100 17.71 -11.81 -29.23
C PRO A 100 17.51 -11.69 -27.70
N HIS A 101 16.64 -10.81 -27.30
CA HIS A 101 16.47 -10.45 -25.88
C HIS A 101 15.01 -10.31 -25.51
N GLY A 102 14.32 -11.43 -25.49
CA GLY A 102 12.86 -11.46 -25.52
C GLY A 102 12.22 -12.06 -24.26
N SER A 103 12.91 -12.16 -23.10
CA SER A 103 12.25 -12.47 -21.84
C SER A 103 11.17 -11.40 -21.55
N GLU A 104 10.19 -11.76 -20.73
CA GLU A 104 9.18 -10.81 -20.29
C GLU A 104 9.69 -10.08 -19.04
N HIS A 105 10.01 -10.83 -17.97
CA HIS A 105 10.66 -10.17 -16.83
C HIS A 105 12.10 -9.77 -17.15
N THR A 106 12.52 -8.64 -16.59
CA THR A 106 13.91 -8.21 -16.65
C THR A 106 14.50 -8.19 -15.25
N VAL A 107 15.84 -8.21 -15.19
CA VAL A 107 16.53 -8.20 -13.89
C VAL A 107 17.49 -7.01 -13.95
N SER A 108 17.25 -6.03 -13.09
CA SER A 108 18.08 -4.81 -13.11
C SER A 108 18.11 -4.20 -14.53
N GLY A 109 16.95 -4.22 -15.20
CA GLY A 109 16.72 -3.60 -16.51
C GLY A 109 17.17 -4.46 -17.70
N GLN A 110 17.73 -5.64 -17.45
CA GLN A 110 18.26 -6.53 -18.49
C GLN A 110 17.32 -7.67 -18.85
N HIS A 111 17.05 -7.76 -20.15
CA HIS A 111 16.31 -8.88 -20.71
C HIS A 111 17.21 -10.10 -20.81
N PHE A 112 16.63 -11.25 -20.62
CA PHE A 112 17.20 -12.53 -20.97
C PHE A 112 16.75 -12.84 -22.38
N ALA A 113 17.34 -13.89 -22.96
CA ALA A 113 17.05 -14.20 -24.35
C ALA A 113 15.60 -14.61 -24.50
N ALA A 114 15.09 -15.38 -23.54
CA ALA A 114 13.73 -15.89 -23.66
C ALA A 114 13.21 -16.22 -22.25
N GLU A 115 11.97 -16.69 -22.17
CA GLU A 115 11.38 -17.05 -20.88
C GLU A 115 10.35 -18.16 -21.07
N LEU A 116 10.42 -19.15 -20.17
CA LEU A 116 9.47 -20.27 -20.16
C LEU A 116 8.49 -20.00 -19.02
N HIS A 117 7.20 -20.21 -19.29
CA HIS A 117 6.13 -20.18 -18.27
C HIS A 117 5.45 -21.53 -18.14
N ILE A 118 5.32 -22.04 -16.91
CA ILE A 118 4.56 -23.28 -16.63
C ILE A 118 3.37 -22.78 -15.82
N VAL A 119 2.18 -22.81 -16.48
CA VAL A 119 0.91 -22.28 -15.96
C VAL A 119 0.27 -23.35 -15.09
N HIS A 120 -0.17 -22.92 -13.90
CA HIS A 120 -0.94 -23.83 -13.02
C HIS A 120 -2.17 -23.08 -12.56
N TYR A 121 -3.19 -23.80 -12.11
CA TYR A 121 -4.44 -23.22 -11.60
C TYR A 121 -4.75 -23.79 -10.21
N ASN A 122 -5.51 -23.05 -9.42
CA ASN A 122 -5.93 -23.47 -8.10
C ASN A 122 -7.01 -24.55 -8.24
N SER A 123 -6.54 -25.79 -8.11
CA SER A 123 -7.44 -26.92 -8.28
C SER A 123 -8.19 -27.29 -7.00
N ASP A 124 -7.79 -26.72 -5.86
CA ASP A 124 -8.60 -26.89 -4.65
C ASP A 124 -9.90 -26.11 -4.78
N LEU A 125 -9.90 -25.02 -5.57
CA LEU A 125 -11.06 -24.14 -5.68
C LEU A 125 -11.84 -24.29 -7.00
N TYR A 126 -11.14 -24.58 -8.11
CA TYR A 126 -11.72 -24.46 -9.44
C TYR A 126 -11.49 -25.74 -10.24
N PRO A 127 -12.42 -26.10 -11.13
CA PRO A 127 -12.25 -27.27 -12.01
C PRO A 127 -11.23 -27.22 -13.15
N ASP A 128 -10.89 -26.01 -13.65
CA ASP A 128 -9.99 -25.90 -14.79
C ASP A 128 -9.35 -24.53 -14.74
N ALA A 129 -8.29 -24.30 -15.52
CA ALA A 129 -7.63 -23.00 -15.60
C ALA A 129 -8.58 -21.93 -16.15
N SER A 130 -9.44 -22.30 -17.12
CA SER A 130 -10.36 -21.38 -17.75
C SER A 130 -11.20 -20.67 -16.69
N THR A 131 -11.76 -21.47 -15.77
CA THR A 131 -12.69 -21.01 -14.74
C THR A 131 -11.88 -20.28 -13.65
N ALA A 132 -10.70 -20.83 -13.32
CA ALA A 132 -9.78 -20.18 -12.38
C ALA A 132 -9.28 -18.81 -12.83
N SER A 133 -9.13 -18.57 -14.14
CA SER A 133 -8.27 -17.48 -14.62
C SER A 133 -8.77 -16.07 -14.27
N ASN A 134 -10.08 -15.93 -14.09
CA ASN A 134 -10.63 -14.62 -13.76
C ASN A 134 -11.12 -14.59 -12.30
N LYS A 135 -10.54 -15.45 -11.48
CA LYS A 135 -11.03 -15.66 -10.13
C LYS A 135 -9.91 -15.43 -9.12
N SER A 136 -10.29 -15.03 -7.91
CA SER A 136 -9.32 -14.79 -6.86
C SER A 136 -8.39 -15.99 -6.67
N GLU A 137 -7.09 -15.72 -6.57
CA GLU A 137 -6.06 -16.72 -6.34
C GLU A 137 -6.10 -17.83 -7.41
N GLY A 138 -6.47 -17.46 -8.65
CA GLY A 138 -6.81 -18.50 -9.60
C GLY A 138 -5.58 -19.23 -10.14
N LEU A 139 -4.52 -18.48 -10.43
CA LEU A 139 -3.36 -19.02 -11.16
C LEU A 139 -2.03 -18.86 -10.43
N ALA A 140 -1.10 -19.75 -10.77
CA ALA A 140 0.29 -19.60 -10.35
C ALA A 140 1.16 -20.00 -11.54
N VAL A 141 2.17 -19.18 -11.82
CA VAL A 141 3.10 -19.46 -12.92
C VAL A 141 4.52 -19.59 -12.39
N LEU A 142 5.22 -20.61 -12.91
CA LEU A 142 6.66 -20.68 -12.72
C LEU A 142 7.33 -20.12 -13.96
N ALA A 143 8.27 -19.19 -13.75
CA ALA A 143 8.99 -18.55 -14.84
C ALA A 143 10.48 -18.90 -14.80
N VAL A 144 11.00 -19.41 -15.95
CA VAL A 144 12.43 -19.67 -16.03
C VAL A 144 12.99 -18.70 -17.04
N LEU A 145 14.04 -17.96 -16.63
CA LEU A 145 14.78 -17.13 -17.55
C LEU A 145 15.73 -17.97 -18.37
N ILE A 146 15.93 -17.61 -19.62
CA ILE A 146 16.75 -18.42 -20.53
C ILE A 146 17.78 -17.53 -21.19
N GLU A 147 19.06 -18.00 -21.12
CA GLU A 147 20.10 -17.27 -21.81
C GLU A 147 20.86 -18.20 -22.75
N MET A 148 21.58 -17.63 -23.70
CA MET A 148 22.33 -18.39 -24.67
C MET A 148 23.57 -18.97 -23.97
N GLY A 149 23.83 -20.27 -24.19
CA GLY A 149 25.03 -20.87 -23.63
C GLY A 149 25.18 -22.31 -24.13
N SER A 150 25.39 -23.27 -23.24
CA SER A 150 25.50 -24.65 -23.70
C SER A 150 24.19 -25.22 -24.24
N PHE A 151 24.31 -26.19 -25.13
CA PHE A 151 23.16 -26.94 -25.60
C PHE A 151 22.43 -27.61 -24.43
N ASN A 152 21.11 -27.62 -24.52
CA ASN A 152 20.22 -28.14 -23.48
C ASN A 152 19.34 -29.26 -24.03
N PRO A 153 19.71 -30.54 -23.80
CA PRO A 153 18.96 -31.68 -24.33
C PRO A 153 17.51 -31.69 -23.85
N SER A 154 17.28 -31.19 -22.62
CA SER A 154 15.93 -31.27 -22.09
C SER A 154 15.01 -30.32 -22.87
N TYR A 155 15.48 -29.08 -23.07
CA TYR A 155 14.68 -28.16 -23.85
C TYR A 155 14.45 -28.71 -25.28
N ASP A 156 15.41 -29.50 -25.80
CA ASP A 156 15.24 -30.00 -27.15
C ASP A 156 14.08 -30.99 -27.22
N LYS A 157 13.63 -31.47 -26.05
CA LYS A 157 12.53 -32.43 -26.05
C LYS A 157 11.26 -31.71 -26.50
N ILE A 158 11.23 -30.37 -26.32
CA ILE A 158 10.17 -29.55 -26.88
C ILE A 158 10.58 -29.03 -28.26
N PHE A 159 11.79 -28.45 -28.37
CA PHE A 159 12.16 -27.73 -29.60
C PHE A 159 12.23 -28.63 -30.84
N SER A 160 12.56 -29.91 -30.63
CA SER A 160 12.68 -30.85 -31.75
C SER A 160 11.32 -31.07 -32.43
N HIS A 161 10.25 -30.56 -31.81
CA HIS A 161 8.91 -30.69 -32.37
C HIS A 161 8.39 -29.40 -33.02
N LEU A 162 9.15 -28.30 -32.92
CA LEU A 162 8.67 -27.01 -33.41
C LEU A 162 8.23 -27.10 -34.87
N GLN A 163 8.94 -27.88 -35.69
CA GLN A 163 8.69 -27.79 -37.12
C GLN A 163 7.33 -28.39 -37.49
N HIS A 164 6.74 -29.19 -36.58
CA HIS A 164 5.43 -29.77 -36.82
C HIS A 164 4.30 -28.84 -36.46
N VAL A 165 4.64 -27.74 -35.75
CA VAL A 165 3.63 -26.79 -35.31
C VAL A 165 3.96 -25.41 -35.87
N LYS A 166 4.58 -25.36 -37.07
CA LYS A 166 5.05 -24.10 -37.66
C LYS A 166 3.93 -23.07 -37.84
N TYR A 167 2.72 -23.55 -38.22
CA TYR A 167 1.63 -22.62 -38.55
C TYR A 167 0.50 -22.70 -37.54
N LYS A 168 -0.25 -21.59 -37.43
CA LYS A 168 -1.48 -21.52 -36.64
C LYS A 168 -2.38 -22.72 -36.94
N GLY A 169 -2.85 -23.41 -35.89
CA GLY A 169 -3.78 -24.53 -36.03
C GLY A 169 -3.09 -25.89 -36.04
N GLN A 170 -1.79 -25.88 -36.31
CA GLN A 170 -1.02 -27.12 -36.34
C GLN A 170 -0.85 -27.64 -34.91
N GLU A 171 -0.73 -28.96 -34.80
CA GLU A 171 -0.53 -29.63 -33.52
C GLU A 171 0.34 -30.86 -33.74
N ALA A 172 1.04 -31.25 -32.67
CA ALA A 172 1.88 -32.42 -32.66
C ALA A 172 1.79 -33.08 -31.28
N PHE A 173 2.08 -34.38 -31.20
CA PHE A 173 2.06 -35.09 -29.95
C PHE A 173 3.50 -35.22 -29.48
N VAL A 174 3.72 -34.95 -28.18
CA VAL A 174 5.04 -34.97 -27.58
C VAL A 174 5.03 -36.06 -26.51
N PRO A 175 5.94 -37.07 -26.54
CA PRO A 175 5.96 -38.12 -25.50
C PRO A 175 6.36 -37.51 -24.16
N GLY A 176 5.80 -38.03 -23.06
CA GLY A 176 6.10 -37.46 -21.77
C GLY A 176 7.59 -37.48 -21.49
N PHE A 177 8.04 -36.46 -20.75
CA PHE A 177 9.37 -36.41 -20.18
C PHE A 177 9.28 -35.66 -18.85
N ASN A 178 10.42 -35.55 -18.16
CA ASN A 178 10.45 -34.97 -16.84
C ASN A 178 10.55 -33.43 -16.97
N ILE A 179 9.41 -32.75 -16.82
CA ILE A 179 9.36 -31.31 -16.91
C ILE A 179 10.29 -30.59 -15.91
N GLU A 180 10.66 -31.28 -14.81
CA GLU A 180 11.57 -30.64 -13.85
C GLU A 180 12.96 -30.39 -14.47
N GLU A 181 13.29 -31.11 -15.58
CA GLU A 181 14.57 -30.90 -16.24
C GLU A 181 14.63 -29.50 -16.84
N LEU A 182 13.47 -28.87 -17.10
CA LEU A 182 13.45 -27.52 -17.65
C LEU A 182 13.75 -26.42 -16.62
N LEU A 183 13.73 -26.76 -15.33
CA LEU A 183 13.96 -25.78 -14.28
C LEU A 183 15.45 -25.60 -14.06
N PRO A 184 15.83 -24.42 -13.56
CA PRO A 184 17.22 -24.07 -13.32
C PRO A 184 17.78 -24.70 -12.05
N GLU A 185 19.07 -24.44 -11.84
CA GLU A 185 19.75 -24.77 -10.59
C GLU A 185 19.11 -23.98 -9.44
N ARG A 186 19.11 -24.61 -8.26
CA ARG A 186 18.75 -23.94 -7.02
C ARG A 186 17.37 -23.30 -7.13
N THR A 187 16.40 -24.16 -7.44
CA THR A 187 15.01 -23.69 -7.52
C THR A 187 14.46 -23.15 -6.19
N ALA A 188 15.17 -23.36 -5.07
CA ALA A 188 14.76 -22.76 -3.81
C ALA A 188 14.91 -21.24 -3.85
N GLU A 189 15.72 -20.73 -4.80
CA GLU A 189 15.98 -19.31 -4.95
C GLU A 189 15.06 -18.73 -6.01
N TYR A 190 14.18 -17.82 -5.57
CA TYR A 190 13.16 -17.30 -6.47
C TYR A 190 12.66 -15.90 -6.03
N TYR A 191 12.10 -15.16 -7.01
CA TYR A 191 11.34 -13.92 -6.83
C TYR A 191 9.86 -14.26 -6.82
N ARG A 192 9.11 -13.55 -5.98
CA ARG A 192 7.68 -13.86 -5.84
C ARG A 192 6.90 -12.55 -5.74
N TYR A 193 5.83 -12.46 -6.58
CA TYR A 193 4.98 -11.27 -6.48
C TYR A 193 3.61 -11.63 -7.03
N ARG A 194 2.64 -10.80 -6.64
CA ARG A 194 1.29 -10.94 -7.19
C ARG A 194 1.15 -10.06 -8.42
N GLY A 195 0.79 -10.70 -9.54
CA GLY A 195 0.62 -9.95 -10.77
C GLY A 195 -0.46 -10.50 -11.68
N SER A 196 -0.19 -10.47 -12.99
CA SER A 196 -1.29 -10.75 -13.92
C SER A 196 -0.80 -11.74 -14.99
N LEU A 197 -1.74 -12.20 -15.83
CA LEU A 197 -1.35 -12.78 -17.12
C LEU A 197 -0.57 -11.72 -17.89
N THR A 198 0.44 -12.14 -18.68
CA THR A 198 1.15 -11.19 -19.53
C THR A 198 0.57 -11.09 -20.92
N THR A 199 -0.50 -11.87 -21.14
CA THR A 199 -1.24 -11.87 -22.41
C THR A 199 -2.66 -11.49 -22.10
N PRO A 200 -3.41 -11.03 -23.13
CA PRO A 200 -4.86 -10.94 -22.94
C PRO A 200 -5.37 -12.28 -22.41
N PRO A 201 -6.39 -12.32 -21.49
CA PRO A 201 -7.08 -11.12 -20.98
C PRO A 201 -6.46 -10.34 -19.80
N CYS A 202 -5.18 -10.61 -19.43
CA CYS A 202 -4.37 -9.84 -18.48
C CYS A 202 -4.98 -9.91 -17.07
N ASN A 203 -5.77 -10.95 -16.70
CA ASN A 203 -6.39 -10.94 -15.38
C ASN A 203 -5.38 -10.86 -14.26
N PRO A 204 -5.62 -10.04 -13.20
CA PRO A 204 -4.67 -9.80 -12.10
C PRO A 204 -4.76 -10.92 -11.08
N THR A 205 -4.57 -12.19 -11.53
CA THR A 205 -4.92 -13.36 -10.75
C THR A 205 -3.75 -14.35 -10.66
N VAL A 206 -2.54 -13.88 -11.03
CA VAL A 206 -1.39 -14.78 -11.07
C VAL A 206 -0.43 -14.53 -9.91
N LEU A 207 -0.14 -15.60 -9.18
CA LEU A 207 0.98 -15.61 -8.24
C LEU A 207 2.22 -16.01 -9.05
N TRP A 208 3.16 -15.05 -9.20
CA TRP A 208 4.38 -15.32 -9.97
C TRP A 208 5.49 -15.85 -9.07
N THR A 209 6.19 -16.86 -9.63
CA THR A 209 7.46 -17.32 -9.07
C THR A 209 8.45 -17.30 -10.24
N VAL A 210 9.42 -16.35 -10.19
CA VAL A 210 10.49 -16.28 -11.18
C VAL A 210 11.78 -16.81 -10.57
N PHE A 211 12.28 -17.94 -11.10
CA PHE A 211 13.49 -18.46 -10.49
C PHE A 211 14.63 -17.45 -10.63
N ARG A 212 15.52 -17.47 -9.63
CA ARG A 212 16.63 -16.51 -9.61
C ARG A 212 17.66 -16.81 -10.72
N ASN A 213 17.88 -18.10 -11.01
CA ASN A 213 18.96 -18.53 -11.88
C ASN A 213 18.38 -18.86 -13.27
N PRO A 214 19.05 -18.43 -14.36
CA PRO A 214 18.61 -18.80 -15.70
C PRO A 214 19.10 -20.20 -16.06
N VAL A 215 18.45 -20.77 -17.05
CA VAL A 215 18.99 -21.91 -17.79
C VAL A 215 19.69 -21.43 -19.05
N GLN A 216 20.47 -22.31 -19.66
CA GLN A 216 21.08 -22.04 -20.96
C GLN A 216 20.57 -22.97 -22.04
N ILE A 217 20.48 -22.39 -23.22
CA ILE A 217 20.26 -23.16 -24.45
C ILE A 217 21.29 -22.67 -25.47
N SER A 218 21.53 -23.50 -26.49
CA SER A 218 22.60 -23.15 -27.40
C SER A 218 22.16 -22.02 -28.35
N GLN A 219 23.15 -21.41 -29.00
CA GLN A 219 22.81 -20.40 -29.98
C GLN A 219 21.91 -20.98 -31.07
N GLU A 220 22.13 -22.25 -31.45
CA GLU A 220 21.34 -22.87 -32.50
C GLU A 220 19.91 -23.09 -32.00
N GLN A 221 19.79 -23.53 -30.75
CA GLN A 221 18.45 -23.73 -30.22
C GLN A 221 17.67 -22.42 -30.19
N LEU A 222 18.31 -21.34 -29.69
CA LEU A 222 17.62 -20.06 -29.59
C LEU A 222 17.17 -19.62 -30.99
N LEU A 223 18.04 -19.76 -31.99
CA LEU A 223 17.73 -19.32 -33.34
C LEU A 223 16.55 -20.15 -33.88
N ALA A 224 16.53 -21.46 -33.57
CA ALA A 224 15.44 -22.31 -34.05
C ALA A 224 14.12 -21.82 -33.44
N LEU A 225 14.12 -21.58 -32.13
CA LEU A 225 12.92 -21.05 -31.48
C LEU A 225 12.47 -19.76 -32.17
N GLU A 226 13.43 -18.84 -32.43
CA GLU A 226 13.11 -17.54 -33.01
C GLU A 226 12.63 -17.61 -34.47
N THR A 227 12.86 -18.74 -35.18
CA THR A 227 12.65 -18.78 -36.62
C THR A 227 11.68 -19.88 -37.04
N ALA A 228 11.27 -20.77 -36.12
CA ALA A 228 10.57 -21.98 -36.49
C ALA A 228 9.09 -21.67 -36.70
N LEU A 229 8.60 -20.60 -36.03
CA LEU A 229 7.15 -20.49 -35.97
C LEU A 229 6.59 -19.24 -36.64
N TYR A 230 5.33 -19.37 -37.09
CA TYR A 230 4.54 -18.28 -37.62
C TYR A 230 3.27 -18.11 -36.79
N CYS A 231 2.73 -16.88 -36.78
CA CYS A 231 1.44 -16.59 -36.18
C CYS A 231 0.24 -16.91 -37.06
N THR A 232 0.50 -17.11 -38.35
CA THR A 232 -0.55 -17.25 -39.36
C THR A 232 -0.75 -18.70 -39.80
N HIS A 233 -1.95 -18.96 -40.33
CA HIS A 233 -2.29 -20.23 -40.95
C HIS A 233 -1.39 -20.49 -42.16
N MET A 234 -1.14 -21.78 -42.42
CA MET A 234 -0.32 -22.24 -43.52
C MET A 234 -0.65 -21.52 -44.84
N ASP A 235 -1.96 -21.26 -45.05
CA ASP A 235 -2.53 -20.74 -46.33
C ASP A 235 -2.70 -19.22 -46.41
N ASP A 236 -2.28 -18.47 -45.36
CA ASP A 236 -2.34 -17.03 -45.32
C ASP A 236 -1.37 -16.51 -46.38
N PRO A 237 -1.83 -15.74 -47.38
CA PRO A 237 -0.91 -15.23 -48.39
C PRO A 237 -0.01 -14.14 -47.81
N SER A 238 -0.30 -13.73 -46.56
CA SER A 238 0.48 -12.70 -45.92
C SER A 238 0.98 -13.20 -44.56
N PRO A 239 1.95 -14.13 -44.58
CA PRO A 239 2.47 -14.74 -43.35
C PRO A 239 3.12 -13.69 -42.44
N ARG A 240 3.01 -13.98 -41.13
CA ARG A 240 3.61 -13.19 -40.06
C ARG A 240 4.42 -14.15 -39.19
N GLU A 241 5.71 -13.84 -39.02
CA GLU A 241 6.57 -14.63 -38.16
C GLU A 241 6.19 -14.47 -36.69
N MET A 242 6.33 -15.57 -35.93
CA MET A 242 6.12 -15.51 -34.49
C MET A 242 7.41 -15.11 -33.79
N ILE A 243 7.58 -13.80 -33.62
CA ILE A 243 8.77 -13.23 -32.97
C ILE A 243 8.34 -12.14 -31.99
N ASN A 244 9.24 -11.72 -31.10
CA ASN A 244 9.00 -10.60 -30.20
C ASN A 244 7.65 -10.78 -29.49
N ASN A 245 7.34 -12.04 -29.09
CA ASN A 245 6.07 -12.33 -28.44
C ASN A 245 6.24 -12.20 -26.91
N PHE A 246 6.74 -11.05 -26.47
CA PHE A 246 6.83 -10.68 -25.05
C PHE A 246 6.13 -9.34 -24.84
N ARG A 247 5.64 -9.12 -23.60
CA ARG A 247 5.04 -7.82 -23.24
C ARG A 247 6.10 -6.93 -22.64
N GLN A 248 6.06 -5.63 -22.97
CA GLN A 248 6.95 -4.68 -22.33
C GLN A 248 6.69 -4.65 -20.82
N VAL A 249 7.74 -4.35 -20.02
CA VAL A 249 7.56 -4.24 -18.58
C VAL A 249 6.56 -3.15 -18.21
N GLN A 250 5.88 -3.42 -17.11
CA GLN A 250 4.82 -2.56 -16.62
C GLN A 250 5.30 -1.71 -15.45
N LYS A 251 4.75 -0.49 -15.28
CA LYS A 251 5.04 0.25 -14.05
C LYS A 251 4.64 -0.61 -12.83
N PHE A 252 5.44 -0.53 -11.78
CA PHE A 252 5.21 -1.33 -10.59
C PHE A 252 5.54 -0.37 -9.43
N ASP A 253 4.58 0.37 -8.91
CA ASP A 253 4.92 1.45 -7.99
C ASP A 253 4.42 1.15 -6.59
N GLU A 254 5.24 1.51 -5.58
CA GLU A 254 4.85 1.39 -4.18
C GLU A 254 4.52 -0.06 -3.88
N ARG A 255 5.31 -0.98 -4.46
CA ARG A 255 5.14 -2.40 -4.31
C ARG A 255 6.48 -3.12 -4.29
N LEU A 256 6.45 -4.34 -3.70
CA LEU A 256 7.69 -5.07 -3.51
C LEU A 256 7.66 -6.37 -4.28
N VAL A 257 8.89 -6.83 -4.57
CA VAL A 257 9.06 -8.18 -4.96
C VAL A 257 9.81 -8.88 -3.85
N TYR A 258 9.23 -9.98 -3.40
CA TYR A 258 9.83 -10.72 -2.30
C TYR A 258 10.80 -11.76 -2.86
N THR A 259 11.89 -11.99 -2.15
CA THR A 259 12.88 -12.98 -2.58
C THR A 259 13.05 -14.03 -1.50
N SER A 260 13.24 -15.27 -1.96
CA SER A 260 13.52 -16.39 -1.04
C SER A 260 15.02 -16.43 -0.66
N PHE A 261 15.83 -15.53 -1.23
CA PHE A 261 17.29 -15.46 -0.98
C PHE A 261 17.57 -14.03 -0.49
N SER A 262 18.73 -13.80 0.19
CA SER A 262 19.18 -12.47 0.57
C SER A 262 20.44 -12.09 -0.21
N LYS B 3 -9.80 12.19 -17.88
CA LYS B 3 -8.70 12.52 -18.87
C LYS B 3 -7.43 11.76 -18.52
N TRP B 4 -6.54 11.65 -19.52
CA TRP B 4 -5.46 10.70 -19.51
C TRP B 4 -4.50 11.04 -18.37
N THR B 5 -3.89 9.98 -17.80
CA THR B 5 -2.94 10.12 -16.71
C THR B 5 -1.79 9.15 -16.92
N TYR B 6 -0.91 9.09 -15.94
CA TYR B 6 0.20 8.14 -15.98
C TYR B 6 -0.07 7.00 -15.00
N PHE B 7 -1.25 6.95 -14.38
CA PHE B 7 -1.45 6.04 -13.26
C PHE B 7 -2.93 5.72 -13.14
N GLY B 8 -3.29 4.43 -13.14
CA GLY B 8 -4.67 4.05 -12.86
C GLY B 8 -5.45 3.82 -14.15
N PRO B 9 -6.78 3.83 -14.05
CA PRO B 9 -7.59 3.41 -15.19
C PRO B 9 -7.38 4.19 -16.47
N ASP B 10 -6.88 5.43 -16.39
CA ASP B 10 -6.67 6.30 -17.56
C ASP B 10 -5.18 6.39 -17.91
N GLY B 11 -4.37 5.45 -17.39
CA GLY B 11 -2.93 5.40 -17.59
C GLY B 11 -2.59 4.84 -18.97
N GLU B 12 -1.29 4.65 -19.20
CA GLU B 12 -0.77 4.58 -20.55
C GLU B 12 -1.27 3.36 -21.30
N ASN B 13 -1.63 2.23 -20.66
CA ASN B 13 -2.15 1.11 -21.44
C ASN B 13 -3.57 1.38 -21.96
N SER B 14 -4.18 2.46 -21.48
CA SER B 14 -5.52 2.83 -21.94
C SER B 14 -5.48 4.04 -22.88
N TRP B 15 -4.37 4.73 -23.14
CA TRP B 15 -4.38 5.95 -23.96
C TRP B 15 -4.95 5.64 -25.34
N SER B 16 -4.64 4.48 -25.90
CA SER B 16 -5.03 4.11 -27.27
C SER B 16 -6.57 4.06 -27.43
N LYS B 17 -7.30 3.90 -26.33
CA LYS B 17 -8.77 3.88 -26.43
C LYS B 17 -9.29 5.23 -26.91
N LYS B 18 -8.70 6.35 -26.60
CA LYS B 18 -9.13 7.68 -27.02
C LYS B 18 -8.23 8.29 -28.06
N TYR B 19 -6.97 7.86 -28.11
CA TYR B 19 -5.95 8.49 -28.92
C TYR B 19 -5.39 7.37 -29.78
N PRO B 20 -5.91 7.07 -30.99
CA PRO B 20 -5.48 5.89 -31.73
C PRO B 20 -4.00 5.79 -32.10
N SER B 21 -3.33 6.91 -32.31
CA SER B 21 -1.94 6.88 -32.64
C SER B 21 -1.14 6.24 -31.49
N CYS B 22 -1.59 6.32 -30.23
CA CYS B 22 -0.89 5.73 -29.08
C CYS B 22 -0.73 4.22 -29.23
N GLY B 23 -1.60 3.60 -30.04
CA GLY B 23 -1.54 2.20 -30.39
C GLY B 23 -0.97 1.91 -31.78
N GLY B 24 -0.40 2.94 -32.45
CA GLY B 24 0.08 2.69 -33.83
C GLY B 24 1.60 2.66 -33.89
N LEU B 25 2.15 3.06 -35.06
CA LEU B 25 3.53 2.79 -35.36
C LEU B 25 4.38 3.91 -34.82
N LEU B 26 5.68 3.66 -34.78
CA LEU B 26 6.75 4.66 -34.60
C LEU B 26 6.67 5.26 -33.18
N GLN B 27 6.26 4.47 -32.15
CA GLN B 27 6.07 5.05 -30.82
C GLN B 27 7.37 5.31 -30.06
N SER B 28 7.29 6.36 -29.21
CA SER B 28 8.44 6.71 -28.36
C SER B 28 7.94 6.66 -26.94
N PRO B 29 8.78 6.58 -25.87
CA PRO B 29 10.26 6.48 -25.99
C PRO B 29 10.69 5.02 -26.17
N ILE B 30 12.03 4.84 -26.29
CA ILE B 30 12.60 3.50 -26.48
C ILE B 30 13.85 3.33 -25.57
N ASP B 31 14.22 2.05 -25.45
CA ASP B 31 15.49 1.72 -24.79
C ASP B 31 16.58 1.75 -25.84
N LEU B 32 17.61 2.53 -25.53
CA LEU B 32 18.80 2.57 -26.36
C LEU B 32 19.82 1.51 -25.94
N HIS B 33 20.03 0.50 -26.82
CA HIS B 33 20.88 -0.61 -26.46
C HIS B 33 21.54 -1.12 -27.74
N SER B 34 22.67 -1.81 -27.54
CA SER B 34 23.66 -2.01 -28.59
C SER B 34 23.04 -2.62 -29.84
N ASP B 35 22.10 -3.55 -29.70
CA ASP B 35 21.65 -4.34 -30.85
C ASP B 35 20.92 -3.49 -31.89
N ILE B 36 20.43 -2.30 -31.47
CA ILE B 36 19.66 -1.52 -32.43
C ILE B 36 20.39 -0.22 -32.81
N LEU B 37 21.67 -0.01 -32.38
CA LEU B 37 22.41 1.20 -32.72
C LEU B 37 23.23 0.96 -34.00
N GLN B 38 23.36 2.01 -34.81
CA GLN B 38 24.16 1.98 -36.00
C GLN B 38 24.80 3.36 -36.21
N TYR B 39 26.13 3.39 -36.27
CA TYR B 39 26.85 4.62 -36.57
C TYR B 39 26.48 5.14 -37.94
N ASP B 40 26.29 6.46 -38.00
CA ASP B 40 25.94 7.16 -39.24
C ASP B 40 26.87 8.38 -39.31
N ALA B 41 27.93 8.33 -40.13
CA ALA B 41 28.84 9.48 -40.27
C ALA B 41 28.21 10.77 -40.83
N SER B 42 27.00 10.68 -41.42
N SER B 42 26.99 10.69 -41.42
CA SER B 42 26.28 11.83 -42.00
CA SER B 42 26.30 11.86 -41.98
C SER B 42 25.59 12.67 -40.91
C SER B 42 25.64 12.71 -40.90
N LEU B 43 25.58 12.19 -39.66
CA LEU B 43 24.94 12.91 -38.55
C LEU B 43 25.91 13.94 -38.02
N THR B 44 25.91 15.11 -38.68
CA THR B 44 26.80 16.21 -38.39
C THR B 44 26.27 17.05 -37.23
N PRO B 45 27.07 17.99 -36.66
CA PRO B 45 26.64 18.64 -35.42
C PRO B 45 25.47 19.58 -35.71
N LEU B 46 24.57 19.69 -34.73
CA LEU B 46 23.55 20.73 -34.70
C LEU B 46 24.13 22.06 -34.20
N GLU B 47 23.55 23.16 -34.67
CA GLU B 47 23.86 24.48 -34.18
C GLU B 47 22.61 25.09 -33.52
N PHE B 48 22.82 25.66 -32.35
CA PHE B 48 21.70 26.16 -31.54
C PHE B 48 21.68 27.68 -31.66
N GLN B 49 20.66 28.21 -32.37
CA GLN B 49 20.60 29.62 -32.70
C GLN B 49 19.54 30.31 -31.86
N GLY B 50 19.87 31.50 -31.35
CA GLY B 50 18.89 32.30 -30.57
C GLY B 50 18.45 31.58 -29.28
N TYR B 51 19.26 30.62 -28.79
CA TYR B 51 19.03 30.00 -27.49
C TYR B 51 19.32 30.93 -26.31
N ASN B 52 20.13 31.98 -26.50
CA ASN B 52 20.48 32.85 -25.38
C ASN B 52 19.38 33.92 -25.26
N LEU B 53 18.29 33.56 -24.61
CA LEU B 53 17.11 34.42 -24.53
C LEU B 53 17.37 35.62 -23.62
N SER B 54 16.99 36.81 -24.06
CA SER B 54 17.25 38.02 -23.30
C SER B 54 16.77 37.93 -21.86
N ALA B 55 17.65 38.26 -20.89
CA ALA B 55 17.30 38.24 -19.48
C ALA B 55 16.30 39.33 -19.16
N ASN B 56 16.10 40.28 -20.11
CA ASN B 56 15.16 41.39 -19.89
C ASN B 56 13.79 41.07 -20.43
N LYS B 57 13.66 39.96 -21.14
CA LYS B 57 12.37 39.48 -21.61
C LYS B 57 11.88 38.35 -20.70
N GLN B 58 10.60 38.04 -20.86
N GLN B 58 10.59 38.04 -20.77
CA GLN B 58 9.86 37.10 -20.03
CA GLN B 58 10.03 37.01 -19.91
C GLN B 58 9.25 36.00 -20.90
C GLN B 58 9.18 36.06 -20.75
N PHE B 59 9.21 34.77 -20.36
CA PHE B 59 8.68 33.65 -21.11
C PHE B 59 7.65 32.91 -20.25
N LEU B 60 6.51 32.62 -20.88
CA LEU B 60 5.42 32.02 -20.15
C LEU B 60 5.60 30.55 -19.82
N LEU B 61 5.41 30.24 -18.55
CA LEU B 61 5.43 28.91 -17.99
C LEU B 61 3.97 28.57 -17.65
N THR B 62 3.56 27.34 -17.96
N THR B 62 3.48 27.41 -18.11
CA THR B 62 2.16 26.98 -17.87
CA THR B 62 2.08 27.04 -17.88
C THR B 62 2.00 25.55 -17.32
C THR B 62 2.00 25.61 -17.33
N ASN B 63 0.96 25.33 -16.51
CA ASN B 63 0.58 24.00 -16.07
C ASN B 63 -0.79 23.66 -16.64
N ASN B 64 -0.86 22.77 -17.66
CA ASN B 64 -2.13 22.38 -18.25
C ASN B 64 -2.68 21.12 -17.60
N GLY B 65 -2.06 20.64 -16.48
CA GLY B 65 -2.52 19.42 -15.83
C GLY B 65 -1.80 18.13 -16.24
N HIS B 66 -1.06 18.22 -17.36
CA HIS B 66 -0.38 17.07 -17.93
C HIS B 66 1.09 17.36 -18.02
N SER B 67 1.46 18.57 -18.51
CA SER B 67 2.86 18.88 -18.69
C SER B 67 3.02 20.35 -18.35
N VAL B 68 3.96 20.68 -17.50
CA VAL B 68 4.33 22.08 -17.30
C VAL B 68 5.36 22.46 -18.37
N LYS B 69 4.98 23.47 -19.15
CA LYS B 69 5.75 23.87 -20.34
C LYS B 69 6.27 25.30 -20.20
N LEU B 70 7.57 25.52 -20.53
CA LEU B 70 8.10 26.86 -20.75
C LEU B 70 8.01 27.17 -22.22
N ASN B 71 7.22 28.21 -22.58
N ASN B 71 7.18 28.14 -22.56
CA ASN B 71 7.07 28.61 -23.96
CA ASN B 71 7.04 28.53 -23.96
C ASN B 71 8.32 29.36 -24.40
C ASN B 71 8.30 29.28 -24.39
N LEU B 72 8.68 29.06 -25.65
CA LEU B 72 9.90 29.55 -26.27
C LEU B 72 9.56 30.29 -27.56
N PRO B 73 10.40 31.30 -27.91
CA PRO B 73 10.13 32.15 -29.05
C PRO B 73 10.56 31.46 -30.35
N SER B 74 9.83 31.74 -31.43
N SER B 74 9.79 31.76 -31.40
CA SER B 74 10.16 31.13 -32.72
CA SER B 74 10.07 31.25 -32.73
C SER B 74 11.43 31.66 -33.38
C SER B 74 11.48 31.57 -33.26
N ASP B 75 12.10 32.66 -32.79
CA ASP B 75 13.41 33.08 -33.31
C ASP B 75 14.49 32.10 -32.85
N MET B 76 14.18 31.32 -31.80
CA MET B 76 15.07 30.26 -31.33
C MET B 76 14.94 29.05 -32.26
N HIS B 77 16.06 28.53 -32.76
CA HIS B 77 15.93 27.48 -33.75
C HIS B 77 17.17 26.58 -33.82
N ILE B 78 17.01 25.40 -34.40
CA ILE B 78 18.14 24.51 -34.69
C ILE B 78 18.55 24.72 -36.12
N GLN B 79 19.84 24.88 -36.35
CA GLN B 79 20.47 24.85 -37.68
C GLN B 79 21.14 23.46 -37.84
N GLY B 80 21.00 22.85 -39.02
CA GLY B 80 21.69 21.58 -39.29
C GLY B 80 20.76 20.45 -39.77
N LEU B 81 19.46 20.51 -39.47
CA LEU B 81 18.52 19.49 -39.94
C LEU B 81 18.08 19.82 -41.36
N GLN B 82 17.12 19.07 -41.91
CA GLN B 82 16.80 19.22 -43.34
C GLN B 82 15.87 20.39 -43.63
N SER B 83 15.33 21.01 -42.57
CA SER B 83 14.61 22.27 -42.60
C SER B 83 15.06 22.98 -41.32
N ARG B 84 14.77 24.30 -41.24
CA ARG B 84 14.86 25.01 -39.97
C ARG B 84 13.76 24.49 -39.05
N TYR B 85 14.17 24.17 -37.83
CA TYR B 85 13.18 23.77 -36.83
C TYR B 85 13.20 24.81 -35.74
N SER B 86 12.09 25.54 -35.57
CA SER B 86 12.08 26.59 -34.56
C SER B 86 11.47 26.10 -33.23
N ALA B 87 11.89 26.68 -32.10
CA ALA B 87 11.44 26.22 -30.80
C ALA B 87 9.99 26.59 -30.58
N THR B 88 9.33 25.78 -29.77
CA THR B 88 7.99 26.11 -29.30
C THR B 88 7.90 26.04 -27.77
N GLN B 89 8.48 24.98 -27.15
CA GLN B 89 8.33 24.87 -25.70
C GLN B 89 9.35 23.85 -25.22
N LEU B 90 9.67 23.92 -23.92
CA LEU B 90 10.37 22.81 -23.30
C LEU B 90 9.63 22.36 -22.04
N HIS B 91 9.86 21.09 -21.61
CA HIS B 91 9.23 20.53 -20.42
C HIS B 91 10.10 19.36 -19.94
N LEU B 92 9.67 18.75 -18.84
CA LEU B 92 10.41 17.65 -18.25
C LEU B 92 9.53 16.45 -17.96
N HIS B 93 10.15 15.32 -17.67
CA HIS B 93 9.52 14.07 -17.19
C HIS B 93 10.34 13.60 -16.03
N TRP B 94 9.69 13.08 -14.94
CA TRP B 94 10.43 12.67 -13.74
C TRP B 94 9.62 11.61 -13.01
N GLY B 95 10.20 11.10 -11.92
CA GLY B 95 9.70 10.00 -11.14
C GLY B 95 8.94 10.49 -9.93
N ASN B 96 9.41 10.08 -8.74
CA ASN B 96 8.73 10.50 -7.54
C ASN B 96 9.73 10.49 -6.40
N PRO B 97 9.38 11.08 -5.24
CA PRO B 97 10.39 11.24 -4.19
C PRO B 97 11.07 9.93 -3.78
N ASN B 98 10.34 8.83 -3.76
CA ASN B 98 10.87 7.56 -3.27
C ASN B 98 11.47 6.75 -4.43
N ASP B 99 11.42 7.27 -5.65
CA ASP B 99 11.99 6.54 -6.78
C ASP B 99 12.33 7.59 -7.83
N PRO B 100 13.50 8.27 -7.70
CA PRO B 100 13.85 9.37 -8.63
C PRO B 100 14.45 8.75 -9.91
N HIS B 101 13.65 8.02 -10.69
CA HIS B 101 14.12 7.35 -11.89
C HIS B 101 13.05 7.41 -12.97
N GLY B 102 12.83 8.62 -13.47
CA GLY B 102 11.69 8.86 -14.30
C GLY B 102 12.07 9.41 -15.68
N SER B 103 13.26 9.17 -16.25
CA SER B 103 13.53 9.44 -17.66
C SER B 103 12.48 8.64 -18.51
N GLU B 104 12.30 9.12 -19.74
CA GLU B 104 11.44 8.39 -20.67
C GLU B 104 12.32 7.41 -21.47
N HIS B 105 13.36 7.92 -22.17
CA HIS B 105 14.30 6.99 -22.78
C HIS B 105 15.18 6.35 -21.71
N THR B 106 15.51 5.07 -21.96
CA THR B 106 16.45 4.35 -21.09
C THR B 106 17.67 3.97 -21.91
N VAL B 107 18.77 3.71 -21.18
CA VAL B 107 19.99 3.32 -21.89
C VAL B 107 20.39 1.96 -21.32
N SER B 108 20.54 0.97 -22.20
CA SER B 108 20.88 -0.40 -21.78
C SER B 108 20.00 -0.81 -20.58
N GLY B 109 18.70 -0.56 -20.67
CA GLY B 109 17.69 -0.97 -19.70
C GLY B 109 17.57 -0.13 -18.43
N GLN B 110 18.39 0.93 -18.29
CA GLN B 110 18.38 1.75 -17.08
C GLN B 110 17.75 3.13 -17.29
N HIS B 111 16.86 3.51 -16.36
CA HIS B 111 16.33 4.87 -16.32
C HIS B 111 17.31 5.87 -15.74
N PHE B 112 17.35 7.05 -16.31
CA PHE B 112 17.92 8.23 -15.69
C PHE B 112 16.95 8.85 -14.72
N ALA B 113 17.37 9.82 -13.91
CA ALA B 113 16.48 10.43 -12.93
C ALA B 113 15.33 11.17 -13.59
N ALA B 114 15.61 11.87 -14.70
CA ALA B 114 14.55 12.66 -15.36
C ALA B 114 15.03 12.93 -16.77
N GLU B 115 14.21 13.67 -17.54
CA GLU B 115 14.57 13.99 -18.92
C GLU B 115 13.95 15.32 -19.32
N LEU B 116 14.72 16.12 -20.02
CA LEU B 116 14.28 17.40 -20.56
C LEU B 116 13.97 17.22 -22.05
N HIS B 117 12.79 17.73 -22.49
CA HIS B 117 12.53 17.75 -23.92
C HIS B 117 12.37 19.18 -24.43
N ILE B 118 13.14 19.57 -25.47
CA ILE B 118 13.00 20.92 -26.06
C ILE B 118 12.34 20.72 -27.44
N VAL B 119 11.03 21.06 -27.48
CA VAL B 119 10.22 20.76 -28.67
C VAL B 119 10.36 21.88 -29.71
N HIS B 120 10.63 21.49 -31.00
CA HIS B 120 10.72 22.41 -32.14
C HIS B 120 9.78 21.93 -33.24
N TYR B 121 9.44 22.84 -34.17
CA TYR B 121 8.59 22.49 -35.31
C TYR B 121 9.19 23.06 -36.58
N ASN B 122 8.84 22.35 -37.68
CA ASN B 122 9.34 22.75 -38.98
C ASN B 122 8.69 24.10 -39.40
N SER B 123 9.36 25.23 -39.12
CA SER B 123 8.77 26.58 -39.40
C SER B 123 9.01 26.98 -40.87
N ASP B 124 9.78 26.18 -41.62
CA ASP B 124 9.92 26.44 -43.06
C ASP B 124 8.63 26.02 -43.74
N LEU B 125 7.90 25.04 -43.19
CA LEU B 125 6.78 24.43 -43.88
C LEU B 125 5.45 24.78 -43.22
N TYR B 126 5.50 25.06 -41.91
CA TYR B 126 4.30 25.16 -41.09
C TYR B 126 4.30 26.42 -40.24
N PRO B 127 3.08 26.97 -39.97
CA PRO B 127 2.96 28.23 -39.21
C PRO B 127 3.14 28.13 -37.70
N ASP B 128 3.00 26.90 -37.18
CA ASP B 128 2.99 26.71 -35.74
C ASP B 128 3.23 25.23 -35.47
N ALA B 129 3.60 24.89 -34.24
CA ALA B 129 3.80 23.50 -33.85
C ALA B 129 2.51 22.69 -33.95
N SER B 130 1.36 23.31 -33.67
N SER B 130 1.37 23.34 -33.70
CA SER B 130 0.16 22.49 -33.72
CA SER B 130 0.14 22.56 -33.68
C SER B 130 -0.02 21.94 -35.13
C SER B 130 -0.19 22.02 -35.08
N THR B 131 0.05 22.84 -36.13
CA THR B 131 -0.13 22.35 -37.51
C THR B 131 0.88 21.25 -37.87
N ALA B 132 2.14 21.46 -37.45
CA ALA B 132 3.32 20.66 -37.78
C ALA B 132 3.18 19.26 -37.20
N SER B 133 2.50 19.23 -36.02
CA SER B 133 2.44 18.02 -35.20
C SER B 133 1.70 16.90 -35.94
N ASN B 134 0.91 17.23 -37.02
CA ASN B 134 0.19 16.23 -37.81
C ASN B 134 0.94 15.77 -39.05
N LYS B 135 2.19 16.18 -39.22
CA LYS B 135 2.85 15.91 -40.50
C LYS B 135 4.13 15.15 -40.22
N SER B 136 4.58 14.37 -41.23
CA SER B 136 5.74 13.50 -41.04
C SER B 136 6.92 14.41 -40.72
N GLU B 137 7.66 14.12 -39.63
CA GLU B 137 8.82 14.92 -39.27
C GLU B 137 8.46 16.40 -39.08
N GLY B 138 7.21 16.69 -38.71
CA GLY B 138 6.81 18.08 -38.47
C GLY B 138 7.50 18.60 -37.21
N LEU B 139 7.89 17.70 -36.26
CA LEU B 139 8.46 18.10 -34.98
C LEU B 139 9.84 17.51 -34.85
N ALA B 140 10.69 18.26 -34.15
CA ALA B 140 12.00 17.72 -33.74
C ALA B 140 12.17 18.01 -32.26
N VAL B 141 12.56 16.97 -31.47
CA VAL B 141 12.73 17.22 -30.06
C VAL B 141 14.21 16.98 -29.75
N LEU B 142 14.75 17.85 -28.91
CA LEU B 142 16.05 17.52 -28.29
C LEU B 142 15.79 17.03 -26.89
N ALA B 143 16.35 15.83 -26.58
CA ALA B 143 16.14 15.18 -25.30
C ALA B 143 17.47 15.18 -24.54
N VAL B 144 17.39 15.66 -23.31
CA VAL B 144 18.59 15.62 -22.42
C VAL B 144 18.22 14.70 -21.27
N LEU B 145 19.09 13.68 -21.09
CA LEU B 145 18.96 12.78 -19.95
C LEU B 145 19.55 13.45 -18.70
N ILE B 146 18.90 13.27 -17.55
CA ILE B 146 19.26 13.99 -16.32
C ILE B 146 19.56 12.95 -15.26
N GLU B 147 20.75 13.05 -14.65
CA GLU B 147 21.13 12.12 -13.58
C GLU B 147 21.28 12.91 -12.28
N MET B 148 21.08 12.24 -11.15
CA MET B 148 21.32 12.86 -9.84
C MET B 148 22.83 13.12 -9.67
N GLY B 149 23.16 14.37 -9.34
CA GLY B 149 24.59 14.70 -9.20
C GLY B 149 24.71 16.06 -8.55
N SER B 150 25.50 16.92 -9.18
CA SER B 150 25.74 18.25 -8.67
C SER B 150 24.51 19.16 -8.86
N PHE B 151 24.36 20.13 -7.96
CA PHE B 151 23.36 21.19 -8.15
C PHE B 151 23.62 21.87 -9.47
N ASN B 152 22.52 22.20 -10.19
CA ASN B 152 22.65 22.79 -11.49
C ASN B 152 21.99 24.17 -11.45
N PRO B 153 22.73 25.27 -11.44
CA PRO B 153 22.14 26.62 -11.37
C PRO B 153 21.31 26.89 -12.63
N SER B 154 21.65 26.34 -13.79
CA SER B 154 20.85 26.66 -14.99
C SER B 154 19.47 26.04 -14.89
N TYR B 155 19.39 24.74 -14.58
CA TYR B 155 18.06 24.15 -14.40
C TYR B 155 17.28 24.85 -13.32
N ASP B 156 17.92 25.41 -12.30
CA ASP B 156 17.23 26.11 -11.24
C ASP B 156 16.52 27.35 -11.76
N LYS B 157 16.95 27.91 -12.91
CA LYS B 157 16.29 29.04 -13.51
C LYS B 157 14.88 28.64 -13.94
N ILE B 158 14.61 27.34 -14.19
CA ILE B 158 13.22 26.86 -14.35
C ILE B 158 12.60 26.41 -13.04
N PHE B 159 13.35 25.63 -12.23
CA PHE B 159 12.75 24.96 -11.08
C PHE B 159 12.29 26.01 -10.02
N SER B 160 12.99 27.13 -9.93
CA SER B 160 12.70 28.17 -8.94
C SER B 160 11.32 28.82 -9.15
N HIS B 161 10.69 28.60 -10.32
CA HIS B 161 9.40 29.21 -10.62
C HIS B 161 8.20 28.28 -10.54
N LEU B 162 8.46 27.01 -10.30
CA LEU B 162 7.31 26.11 -10.37
C LEU B 162 6.20 26.42 -9.36
N GLN B 163 6.43 27.12 -8.23
CA GLN B 163 5.31 27.27 -7.31
C GLN B 163 4.18 28.17 -7.85
N HIS B 164 4.49 28.98 -8.84
CA HIS B 164 3.52 29.92 -9.37
C HIS B 164 2.75 29.12 -10.36
N VAL B 165 3.26 27.87 -10.64
CA VAL B 165 2.41 27.09 -11.51
C VAL B 165 2.05 25.75 -10.90
N LYS B 166 1.91 25.73 -9.56
CA LYS B 166 1.71 24.48 -8.85
C LYS B 166 0.50 23.69 -9.35
N TYR B 167 -0.58 24.39 -9.76
CA TYR B 167 -1.83 23.75 -10.11
C TYR B 167 -2.13 23.91 -11.59
N LYS B 168 -3.01 23.01 -12.08
CA LYS B 168 -3.58 23.12 -13.44
C LYS B 168 -4.23 24.49 -13.66
N GLY B 169 -3.92 25.09 -14.80
CA GLY B 169 -4.53 26.36 -15.20
C GLY B 169 -3.78 27.57 -14.71
N GLN B 170 -2.69 27.32 -13.99
CA GLN B 170 -1.81 28.40 -13.58
C GLN B 170 -0.72 28.74 -14.61
N GLU B 171 -0.31 30.01 -14.60
CA GLU B 171 0.73 30.55 -15.49
C GLU B 171 1.63 31.52 -14.73
N ALA B 172 2.88 31.61 -15.18
CA ALA B 172 3.82 32.53 -14.58
C ALA B 172 4.86 32.90 -15.63
N PHE B 173 5.59 33.97 -15.37
CA PHE B 173 6.65 34.42 -16.25
C PHE B 173 8.04 34.07 -15.69
N VAL B 174 8.89 33.56 -16.60
CA VAL B 174 10.28 33.23 -16.29
C VAL B 174 11.15 34.20 -17.08
N PRO B 175 12.13 34.89 -16.46
CA PRO B 175 13.04 35.71 -17.24
C PRO B 175 13.91 34.83 -18.18
N GLY B 176 14.22 35.38 -19.35
CA GLY B 176 15.09 34.76 -20.33
C GLY B 176 16.42 34.32 -19.72
N PHE B 177 16.89 33.14 -20.17
CA PHE B 177 18.26 32.78 -19.90
C PHE B 177 18.74 31.97 -21.10
N ASN B 178 20.02 31.59 -21.06
CA ASN B 178 20.63 30.88 -22.16
C ASN B 178 20.25 29.40 -22.12
N ILE B 179 19.23 29.01 -22.91
CA ILE B 179 18.75 27.63 -22.94
C ILE B 179 19.91 26.63 -23.20
N GLU B 180 20.96 27.06 -23.88
CA GLU B 180 22.04 26.15 -24.22
C GLU B 180 22.72 25.64 -22.94
N GLU B 181 22.52 26.36 -21.83
CA GLU B 181 23.08 25.94 -20.55
C GLU B 181 22.45 24.64 -20.07
N LEU B 182 21.28 24.27 -20.59
CA LEU B 182 20.59 23.05 -20.22
C LEU B 182 21.14 21.84 -20.98
N LEU B 183 21.94 22.07 -22.03
CA LEU B 183 22.48 21.00 -22.87
C LEU B 183 23.72 20.40 -22.21
N PRO B 184 24.01 19.09 -22.53
CA PRO B 184 25.18 18.44 -21.94
C PRO B 184 26.41 18.75 -22.75
N GLU B 185 27.51 18.15 -22.26
CA GLU B 185 28.79 18.22 -22.94
C GLU B 185 28.69 17.44 -24.25
N ARG B 186 29.46 17.90 -25.25
CA ARG B 186 29.72 17.16 -26.50
C ARG B 186 28.37 16.92 -27.20
N THR B 187 27.60 18.00 -27.40
CA THR B 187 26.32 17.86 -28.10
C THR B 187 26.48 17.24 -29.48
N ALA B 188 27.70 17.25 -30.07
CA ALA B 188 27.89 16.56 -31.35
C ALA B 188 27.60 15.08 -31.26
N GLU B 189 27.61 14.48 -30.04
N GLU B 189 27.65 14.49 -30.05
CA GLU B 189 27.39 13.06 -29.88
CA GLU B 189 27.41 13.05 -29.88
C GLU B 189 25.94 12.83 -29.45
C GLU B 189 25.94 12.85 -29.48
N TYR B 190 25.18 12.19 -30.37
CA TYR B 190 23.74 12.03 -30.11
C TYR B 190 23.24 10.74 -30.79
N TYR B 191 22.04 10.32 -30.34
CA TYR B 191 21.24 9.25 -30.93
C TYR B 191 20.14 9.94 -31.73
N ARG B 192 19.81 9.41 -32.90
CA ARG B 192 18.79 9.97 -33.78
C ARG B 192 17.87 8.86 -34.21
N TYR B 193 16.59 9.09 -34.11
CA TYR B 193 15.65 8.13 -34.65
C TYR B 193 14.32 8.79 -34.95
N ARG B 194 13.47 8.06 -35.66
CA ARG B 194 12.10 8.51 -35.99
C ARG B 194 11.11 7.93 -35.02
N GLY B 195 10.35 8.81 -34.37
CA GLY B 195 9.40 8.35 -33.36
C GLY B 195 8.19 9.28 -33.25
N SER B 196 7.73 9.42 -32.03
CA SER B 196 6.39 9.94 -31.81
C SER B 196 6.39 10.85 -30.59
N LEU B 197 5.32 11.56 -30.37
CA LEU B 197 5.07 12.21 -29.09
C LEU B 197 5.02 11.09 -28.06
N THR B 198 5.55 11.35 -26.86
CA THR B 198 5.49 10.35 -25.79
C THR B 198 4.25 10.53 -24.92
N THR B 199 3.40 11.57 -25.25
CA THR B 199 2.16 11.79 -24.54
C THR B 199 1.09 11.63 -25.59
N PRO B 200 -0.18 11.39 -25.20
CA PRO B 200 -1.30 11.61 -26.11
C PRO B 200 -1.18 12.99 -26.75
N PRO B 201 -1.53 13.17 -28.04
N PRO B 201 -1.49 13.20 -28.05
CA PRO B 201 -2.11 12.11 -28.87
CA PRO B 201 -2.10 12.19 -28.92
C PRO B 201 -1.15 11.18 -29.59
C PRO B 201 -1.18 11.14 -29.53
N CYS B 202 0.15 11.20 -29.20
CA CYS B 202 1.15 10.18 -29.63
C CYS B 202 1.47 10.17 -31.14
N ASN B 203 1.30 11.32 -31.81
N ASN B 203 1.26 11.32 -31.80
CA ASN B 203 1.47 11.33 -33.25
CA ASN B 203 1.50 11.50 -33.22
C ASN B 203 2.87 10.92 -33.61
C ASN B 203 2.86 10.97 -33.63
N PRO B 204 3.00 10.10 -34.65
CA PRO B 204 4.33 9.60 -35.07
C PRO B 204 5.07 10.58 -35.98
N THR B 205 5.32 11.79 -35.45
CA THR B 205 5.72 12.86 -36.29
C THR B 205 6.96 13.57 -35.73
N VAL B 206 7.74 12.86 -34.91
CA VAL B 206 8.88 13.46 -34.22
C VAL B 206 10.20 12.86 -34.72
N LEU B 207 11.13 13.75 -35.04
N LEU B 207 11.12 13.75 -35.10
CA LEU B 207 12.51 13.39 -35.31
CA LEU B 207 12.52 13.39 -35.28
C LEU B 207 13.26 13.61 -33.99
C LEU B 207 13.18 13.62 -33.92
N TRP B 208 13.61 12.52 -33.31
CA TRP B 208 14.24 12.60 -32.00
C TRP B 208 15.77 12.71 -32.09
N THR B 209 16.27 13.58 -31.24
CA THR B 209 17.71 13.65 -31.03
C THR B 209 17.91 13.52 -29.52
N VAL B 210 18.56 12.41 -29.05
CA VAL B 210 18.81 12.22 -27.64
C VAL B 210 20.31 12.40 -27.48
N PHE B 211 20.72 13.41 -26.71
CA PHE B 211 22.16 13.58 -26.51
C PHE B 211 22.74 12.39 -25.76
N ARG B 212 23.99 12.07 -26.14
CA ARG B 212 24.63 10.90 -25.56
C ARG B 212 24.92 11.09 -24.07
N ASN B 213 25.28 12.31 -23.68
CA ASN B 213 25.82 12.52 -22.34
C ASN B 213 24.71 13.15 -21.51
N PRO B 214 24.50 12.70 -20.27
CA PRO B 214 23.56 13.34 -19.36
C PRO B 214 24.10 14.64 -18.78
N VAL B 215 23.19 15.39 -18.17
CA VAL B 215 23.51 16.49 -17.27
C VAL B 215 23.16 16.04 -15.86
N GLN B 216 23.62 16.81 -14.84
CA GLN B 216 23.33 16.52 -13.45
C GLN B 216 22.50 17.63 -12.81
N ILE B 217 21.52 17.18 -12.03
CA ILE B 217 20.86 18.06 -11.06
C ILE B 217 20.95 17.41 -9.67
N SER B 218 20.75 18.16 -8.60
CA SER B 218 21.02 17.53 -7.31
C SER B 218 19.82 16.73 -6.79
N GLN B 219 20.04 15.92 -5.78
CA GLN B 219 19.00 15.26 -5.01
C GLN B 219 17.96 16.29 -4.59
N GLU B 220 18.40 17.42 -4.08
CA GLU B 220 17.45 18.41 -3.58
C GLU B 220 16.58 18.97 -4.73
N GLN B 221 17.19 19.21 -5.89
CA GLN B 221 16.44 19.76 -6.99
C GLN B 221 15.47 18.70 -7.49
N LEU B 222 15.85 17.43 -7.51
CA LEU B 222 14.94 16.36 -7.89
C LEU B 222 13.75 16.33 -6.93
N LEU B 223 13.99 16.37 -5.63
CA LEU B 223 12.94 16.30 -4.62
C LEU B 223 12.02 17.48 -4.82
N ALA B 224 12.55 18.64 -5.07
CA ALA B 224 11.76 19.85 -5.26
C ALA B 224 10.90 19.65 -6.48
N LEU B 225 11.46 19.18 -7.59
CA LEU B 225 10.65 19.04 -8.79
C LEU B 225 9.57 17.98 -8.57
N GLU B 226 9.82 16.90 -7.89
CA GLU B 226 8.89 15.76 -7.70
C GLU B 226 7.77 16.12 -6.70
N THR B 227 7.89 17.24 -5.97
CA THR B 227 6.87 17.65 -4.97
C THR B 227 6.23 18.99 -5.33
N ALA B 228 6.66 19.61 -6.42
CA ALA B 228 6.27 21.00 -6.67
C ALA B 228 4.87 21.12 -7.31
N LEU B 229 4.43 20.06 -8.03
CA LEU B 229 3.39 20.28 -9.02
C LEU B 229 2.29 19.25 -8.90
N TYR B 230 1.09 19.69 -9.30
CA TYR B 230 -0.19 18.96 -9.31
C TYR B 230 -0.76 18.89 -10.72
N CYS B 231 -1.45 17.76 -11.01
CA CYS B 231 -2.19 17.57 -12.26
C CYS B 231 -3.54 18.30 -12.22
N THR B 232 -3.93 18.69 -11.01
CA THR B 232 -5.30 19.11 -10.75
C THR B 232 -5.35 20.61 -10.46
N HIS B 233 -6.56 21.17 -10.62
CA HIS B 233 -6.79 22.55 -10.22
C HIS B 233 -6.56 22.80 -8.72
N MET B 234 -6.27 24.05 -8.37
CA MET B 234 -6.12 24.43 -6.98
C MET B 234 -7.32 24.03 -6.13
N ASP B 235 -8.54 24.10 -6.70
CA ASP B 235 -9.73 23.86 -5.90
C ASP B 235 -10.29 22.45 -6.09
N ASP B 236 -9.52 21.54 -6.68
CA ASP B 236 -10.04 20.23 -6.96
C ASP B 236 -10.12 19.42 -5.66
N PRO B 237 -11.26 18.80 -5.32
CA PRO B 237 -11.34 17.99 -4.10
C PRO B 237 -10.66 16.61 -4.17
N SER B 238 -10.16 16.26 -5.36
N SER B 238 -10.16 16.24 -5.36
CA SER B 238 -9.42 15.02 -5.58
CA SER B 238 -9.41 14.99 -5.50
C SER B 238 -8.06 15.36 -6.16
C SER B 238 -8.06 15.31 -6.12
N PRO B 239 -7.17 15.96 -5.36
CA PRO B 239 -5.85 16.36 -5.90
C PRO B 239 -5.04 15.14 -6.36
N ARG B 240 -4.24 15.34 -7.43
CA ARG B 240 -3.33 14.34 -7.93
C ARG B 240 -1.98 14.98 -8.15
N GLU B 241 -0.94 14.43 -7.53
CA GLU B 241 0.41 14.93 -7.70
C GLU B 241 0.92 14.66 -9.11
N MET B 242 1.69 15.63 -9.65
CA MET B 242 2.34 15.42 -10.94
C MET B 242 3.67 14.69 -10.68
N ILE B 243 3.61 13.33 -10.68
CA ILE B 243 4.74 12.45 -10.45
C ILE B 243 4.69 11.33 -11.49
N ASN B 244 5.80 10.66 -11.72
CA ASN B 244 5.86 9.48 -12.56
C ASN B 244 5.29 9.82 -13.94
N ASN B 245 5.59 11.03 -14.44
CA ASN B 245 4.98 11.43 -15.69
C ASN B 245 5.94 11.03 -16.82
N PHE B 246 6.25 9.74 -16.91
CA PHE B 246 7.05 9.17 -18.01
C PHE B 246 6.28 7.97 -18.59
N ARG B 247 6.41 7.78 -19.94
CA ARG B 247 5.84 6.59 -20.57
C ARG B 247 6.81 5.45 -20.59
N GLN B 248 6.37 4.19 -20.37
CA GLN B 248 7.26 3.02 -20.56
C GLN B 248 7.81 2.98 -21.99
N VAL B 249 9.03 2.41 -22.13
CA VAL B 249 9.59 2.26 -23.45
C VAL B 249 8.72 1.37 -24.33
N GLN B 250 8.84 1.60 -25.63
CA GLN B 250 7.95 0.97 -26.59
C GLN B 250 8.71 -0.09 -27.42
N LYS B 251 7.99 -1.01 -28.00
CA LYS B 251 8.55 -1.97 -28.96
C LYS B 251 9.23 -1.23 -30.11
N PHE B 252 10.38 -1.74 -30.65
CA PHE B 252 11.04 -1.07 -31.74
C PHE B 252 10.48 -1.19 -33.17
N ASP B 253 9.73 -2.25 -33.45
CA ASP B 253 8.99 -2.35 -34.71
C ASP B 253 9.99 -2.27 -35.88
N GLU B 254 11.18 -2.92 -35.76
CA GLU B 254 12.18 -3.05 -36.83
C GLU B 254 13.08 -1.79 -37.01
N ARG B 255 12.88 -0.75 -36.20
CA ARG B 255 13.59 0.49 -36.40
C ARG B 255 15.06 0.27 -35.93
N LEU B 256 15.98 1.10 -36.43
CA LEU B 256 17.27 1.28 -35.79
C LEU B 256 17.38 2.70 -35.23
N VAL B 257 18.37 2.92 -34.38
CA VAL B 257 18.72 4.24 -33.87
C VAL B 257 20.10 4.50 -34.43
N TYR B 258 20.29 5.68 -35.00
CA TYR B 258 21.53 6.12 -35.64
C TYR B 258 22.30 7.02 -34.74
N THR B 259 23.60 6.68 -34.60
CA THR B 259 24.46 7.42 -33.67
C THR B 259 25.46 8.27 -34.43
N SER B 260 25.74 9.45 -33.88
CA SER B 260 26.72 10.36 -34.51
C SER B 260 28.14 10.02 -33.99
N PHE B 261 28.23 9.07 -33.07
CA PHE B 261 29.50 8.62 -32.49
C PHE B 261 29.68 7.16 -32.85
N SER B 262 30.94 6.75 -33.08
CA SER B 262 31.12 5.36 -33.48
C SER B 262 31.28 4.43 -32.28
N GLN B 263 31.68 5.02 -31.14
CA GLN B 263 32.31 4.32 -30.02
C GLN B 263 32.30 5.32 -28.87
N LYS C 3 -25.81 -9.45 12.57
CA LYS C 3 -24.59 -9.63 11.73
C LYS C 3 -23.66 -8.47 12.00
N TRP C 4 -22.38 -8.84 12.01
CA TRP C 4 -21.32 -8.03 12.57
C TRP C 4 -19.98 -8.53 12.02
N THR C 5 -18.98 -7.62 12.05
CA THR C 5 -17.66 -7.92 11.51
C THR C 5 -16.62 -7.21 12.39
N TYR C 6 -15.37 -7.34 11.98
CA TYR C 6 -14.27 -6.52 12.52
C TYR C 6 -13.76 -5.37 11.63
N PHE C 7 -14.56 -4.80 10.69
CA PHE C 7 -14.10 -3.67 9.85
C PHE C 7 -15.29 -2.89 9.26
N GLY C 8 -15.03 -1.98 8.30
CA GLY C 8 -16.03 -1.46 7.38
C GLY C 8 -17.15 -0.88 8.23
N PRO C 9 -18.43 -0.78 7.77
CA PRO C 9 -19.48 -0.26 8.66
C PRO C 9 -20.12 -1.19 9.68
N ASP C 10 -19.88 -2.51 9.60
CA ASP C 10 -20.50 -3.44 10.55
C ASP C 10 -19.54 -3.87 11.67
N GLY C 11 -18.43 -3.14 11.72
CA GLY C 11 -17.34 -3.37 12.66
C GLY C 11 -17.62 -2.85 14.08
N GLU C 12 -16.60 -2.97 14.94
CA GLU C 12 -16.84 -2.99 16.37
C GLU C 12 -17.43 -1.68 16.91
N ASN C 13 -17.20 -0.52 16.27
CA ASN C 13 -17.77 0.74 16.78
C ASN C 13 -19.30 0.72 16.56
N SER C 14 -19.80 -0.15 15.64
CA SER C 14 -21.23 -0.21 15.31
C SER C 14 -21.89 -1.37 15.99
N TRP C 15 -21.23 -2.22 16.73
CA TRP C 15 -21.88 -3.36 17.38
C TRP C 15 -23.01 -2.93 18.31
N SER C 16 -22.87 -1.78 19.00
CA SER C 16 -23.87 -1.31 19.98
C SER C 16 -25.22 -1.00 19.38
N LYS C 17 -25.29 -0.82 18.04
N LYS C 17 -25.29 -0.83 18.04
CA LYS C 17 -26.60 -0.55 17.45
CA LYS C 17 -26.60 -0.55 17.44
C LYS C 17 -27.53 -1.73 17.67
C LYS C 17 -27.54 -1.73 17.64
N LYS C 18 -27.09 -2.94 17.31
CA LYS C 18 -27.94 -4.12 17.35
C LYS C 18 -27.71 -4.91 18.65
N TYR C 19 -26.55 -4.68 19.28
CA TYR C 19 -26.25 -5.38 20.53
C TYR C 19 -25.93 -4.40 21.64
N PRO C 20 -26.94 -3.88 22.37
CA PRO C 20 -26.72 -2.71 23.23
C PRO C 20 -25.64 -2.96 24.29
N SER C 21 -25.46 -4.22 24.73
CA SER C 21 -24.45 -4.45 25.79
C SER C 21 -23.07 -4.07 25.32
N CYS C 22 -22.83 -4.04 24.00
CA CYS C 22 -21.47 -3.70 23.57
C CYS C 22 -21.09 -2.24 23.87
N GLY C 23 -22.07 -1.38 24.17
CA GLY C 23 -21.88 -0.02 24.64
C GLY C 23 -22.15 0.13 26.13
N GLY C 24 -22.26 -1.00 26.84
CA GLY C 24 -22.55 -0.95 28.26
C GLY C 24 -21.31 -1.07 29.13
N LEU C 25 -21.55 -1.46 30.36
CA LEU C 25 -20.48 -1.58 31.34
C LEU C 25 -19.67 -2.86 31.20
N LEU C 26 -18.50 -2.87 31.89
CA LEU C 26 -17.67 -4.06 32.15
C LEU C 26 -17.22 -4.72 30.83
N GLN C 27 -16.98 -3.89 29.81
CA GLN C 27 -16.50 -4.43 28.55
C GLN C 27 -15.06 -4.94 28.59
N SER C 28 -14.88 -6.03 27.85
CA SER C 28 -13.59 -6.65 27.64
C SER C 28 -13.24 -6.56 26.16
N PRO C 29 -12.00 -6.68 25.71
CA PRO C 29 -10.79 -6.90 26.53
C PRO C 29 -10.19 -5.63 27.11
N ILE C 30 -9.14 -5.75 27.92
CA ILE C 30 -8.56 -4.64 28.64
C ILE C 30 -7.04 -4.80 28.61
N ASP C 31 -6.39 -3.68 28.87
CA ASP C 31 -4.93 -3.71 29.08
C ASP C 31 -4.59 -4.12 30.52
N LEU C 32 -3.80 -5.17 30.64
CA LEU C 32 -3.29 -5.64 31.94
C LEU C 32 -1.97 -4.92 32.28
N HIS C 33 -1.98 -3.96 33.17
CA HIS C 33 -0.71 -3.30 33.46
C HIS C 33 -0.51 -3.12 34.95
N SER C 34 0.74 -2.86 35.40
CA SER C 34 1.12 -3.06 36.80
C SER C 34 0.31 -2.16 37.74
N ASP C 35 0.01 -0.96 37.26
CA ASP C 35 -0.59 0.06 38.12
C ASP C 35 -1.95 -0.43 38.63
N ILE C 36 -2.55 -1.39 37.92
CA ILE C 36 -3.91 -1.80 38.27
C ILE C 36 -3.96 -3.21 38.84
N LEU C 37 -2.79 -3.82 39.01
CA LEU C 37 -2.75 -5.23 39.46
C LEU C 37 -2.77 -5.24 40.99
N GLN C 38 -3.38 -6.27 41.57
CA GLN C 38 -3.43 -6.44 43.01
C GLN C 38 -3.50 -7.94 43.31
N TYR C 39 -2.55 -8.45 44.10
CA TYR C 39 -2.60 -9.83 44.62
C TYR C 39 -3.91 -10.09 45.42
N ASP C 40 -4.56 -11.24 45.18
N ASP C 40 -4.54 -11.22 45.13
CA ASP C 40 -5.84 -11.69 45.84
CA ASP C 40 -5.76 -11.72 45.83
C ASP C 40 -5.62 -13.13 46.30
C ASP C 40 -5.37 -13.15 46.27
N ALA C 41 -5.76 -13.38 47.60
N ALA C 41 -4.48 -13.25 47.26
CA ALA C 41 -5.51 -14.72 48.20
CA ALA C 41 -3.91 -14.53 47.76
C ALA C 41 -6.58 -15.73 47.78
C ALA C 41 -4.79 -15.74 47.43
N SER C 42 -7.77 -15.27 47.37
N SER C 42 -6.08 -15.67 47.75
CA SER C 42 -8.81 -16.20 46.98
CA SER C 42 -7.03 -16.78 47.59
C SER C 42 -8.45 -16.97 45.71
C SER C 42 -7.41 -17.04 46.12
N LEU C 43 -7.38 -16.53 45.02
N LEU C 43 -6.61 -16.55 45.18
CA LEU C 43 -7.05 -17.03 43.68
CA LEU C 43 -6.89 -16.96 43.81
C LEU C 43 -6.08 -18.20 43.73
C LEU C 43 -6.09 -18.24 43.63
N THR C 44 -6.67 -19.31 44.14
CA THR C 44 -6.01 -20.60 44.24
C THR C 44 -5.94 -21.23 42.85
N PRO C 45 -5.18 -22.33 42.71
CA PRO C 45 -5.01 -22.99 41.39
C PRO C 45 -6.29 -23.65 40.94
N LEU C 46 -6.65 -23.43 39.69
CA LEU C 46 -7.84 -24.04 39.11
C LEU C 46 -7.53 -25.50 38.82
N GLU C 47 -8.56 -26.34 38.89
CA GLU C 47 -8.40 -27.71 38.44
C GLU C 47 -9.16 -27.92 37.15
N PHE C 48 -8.49 -28.58 36.20
CA PHE C 48 -9.00 -28.79 34.87
C PHE C 48 -9.41 -30.25 34.78
N GLN C 49 -10.72 -30.49 34.82
CA GLN C 49 -11.31 -31.80 34.97
C GLN C 49 -11.88 -32.22 33.62
N GLY C 50 -11.56 -33.43 33.21
CA GLY C 50 -12.10 -33.92 31.97
C GLY C 50 -11.48 -33.27 30.74
N TYR C 51 -10.31 -32.65 30.91
CA TYR C 51 -9.61 -32.04 29.78
C TYR C 51 -8.92 -33.07 28.88
N ASN C 52 -8.57 -34.25 29.44
CA ASN C 52 -7.84 -35.27 28.68
C ASN C 52 -8.86 -36.05 27.86
N LEU C 53 -9.16 -35.50 26.68
CA LEU C 53 -10.27 -36.01 25.89
C LEU C 53 -9.82 -37.34 25.29
N SER C 54 -10.75 -38.29 25.39
CA SER C 54 -10.65 -39.60 24.80
C SER C 54 -10.22 -39.52 23.33
N ALA C 55 -9.10 -40.17 22.98
CA ALA C 55 -8.57 -40.21 21.62
C ALA C 55 -9.58 -40.83 20.64
N ASN C 56 -10.60 -41.51 21.16
CA ASN C 56 -11.47 -42.15 20.18
C ASN C 56 -12.84 -41.50 20.16
N LYS C 57 -12.98 -40.40 20.93
CA LYS C 57 -14.05 -39.43 20.69
C LYS C 57 -13.50 -38.42 19.67
N GLN C 58 -14.40 -37.80 18.88
CA GLN C 58 -14.04 -36.68 18.01
C GLN C 58 -14.92 -35.44 18.18
N PHE C 59 -14.29 -34.29 17.94
CA PHE C 59 -14.88 -33.02 18.29
C PHE C 59 -14.95 -32.09 17.09
N LEU C 60 -16.09 -31.40 17.00
CA LEU C 60 -16.43 -30.63 15.81
C LEU C 60 -15.66 -29.31 15.77
N LEU C 61 -14.97 -29.07 14.66
CA LEU C 61 -14.31 -27.82 14.32
C LEU C 61 -15.17 -27.09 13.30
N THR C 62 -15.42 -25.78 13.52
CA THR C 62 -16.30 -24.96 12.68
C THR C 62 -15.70 -23.60 12.35
N ASN C 63 -15.78 -23.18 11.07
CA ASN C 63 -15.57 -21.80 10.65
C ASN C 63 -16.89 -21.05 10.75
N ASN C 64 -17.03 -20.10 11.69
CA ASN C 64 -18.31 -19.42 11.80
C ASN C 64 -18.29 -18.04 11.18
N GLY C 65 -17.25 -17.72 10.42
CA GLY C 65 -17.21 -16.42 9.76
C GLY C 65 -16.51 -15.34 10.61
N HIS C 66 -16.40 -15.56 11.94
CA HIS C 66 -15.83 -14.63 12.88
C HIS C 66 -14.51 -15.17 13.45
N SER C 67 -14.39 -16.51 13.52
CA SER C 67 -13.25 -17.17 14.14
C SER C 67 -13.30 -18.64 13.70
N VAL C 68 -12.39 -19.47 14.21
CA VAL C 68 -12.61 -20.92 14.10
C VAL C 68 -12.83 -21.47 15.51
N LYS C 69 -13.90 -22.28 15.70
CA LYS C 69 -14.25 -22.85 17.01
C LYS C 69 -14.17 -24.40 17.03
N LEU C 70 -13.65 -24.94 18.13
CA LEU C 70 -13.69 -26.35 18.45
C LEU C 70 -14.75 -26.59 19.55
N ASN C 71 -15.75 -27.44 19.27
CA ASN C 71 -16.83 -27.77 20.20
C ASN C 71 -16.25 -28.69 21.26
N LEU C 72 -16.61 -28.44 22.51
CA LEU C 72 -16.08 -29.17 23.62
C LEU C 72 -17.26 -29.79 24.36
N PRO C 73 -17.04 -30.96 25.01
CA PRO C 73 -18.13 -31.66 25.68
C PRO C 73 -18.36 -31.09 27.08
N SER C 74 -19.62 -31.11 27.53
CA SER C 74 -19.99 -30.50 28.80
C SER C 74 -19.46 -31.24 30.04
N ASP C 75 -18.93 -32.49 29.92
CA ASP C 75 -18.30 -33.14 31.09
C ASP C 75 -16.91 -32.55 31.36
N MET C 76 -16.38 -31.78 30.40
CA MET C 76 -15.14 -31.03 30.61
C MET C 76 -15.47 -29.78 31.44
N HIS C 77 -14.72 -29.55 32.52
CA HIS C 77 -15.05 -28.42 33.41
C HIS C 77 -13.88 -27.89 34.24
N ILE C 78 -14.09 -26.67 34.77
CA ILE C 78 -13.21 -26.03 35.73
C ILE C 78 -13.78 -26.33 37.11
N GLN C 79 -12.95 -26.85 38.02
CA GLN C 79 -13.20 -26.92 39.46
C GLN C 79 -12.33 -25.88 40.17
N GLY C 80 -12.93 -25.24 41.19
CA GLY C 80 -12.24 -24.25 42.01
C GLY C 80 -12.86 -22.85 42.02
N LEU C 81 -13.80 -22.59 41.12
CA LEU C 81 -14.59 -21.35 41.18
C LEU C 81 -15.81 -21.60 42.07
N GLN C 82 -16.66 -20.59 42.22
CA GLN C 82 -17.79 -20.63 43.16
C GLN C 82 -18.95 -21.49 42.64
N SER C 83 -18.95 -21.82 41.34
CA SER C 83 -19.83 -22.82 40.76
C SER C 83 -18.98 -23.67 39.80
N ARG C 84 -19.53 -24.81 39.36
CA ARG C 84 -18.90 -25.53 38.27
C ARG C 84 -19.16 -24.79 36.98
N TYR C 85 -18.11 -24.65 36.17
CA TYR C 85 -18.22 -24.07 34.85
C TYR C 85 -17.80 -25.15 33.85
N SER C 86 -18.71 -25.52 32.94
CA SER C 86 -18.50 -26.58 31.99
C SER C 86 -18.16 -25.99 30.62
N ALA C 87 -17.30 -26.71 29.91
CA ALA C 87 -16.81 -26.28 28.61
C ALA C 87 -17.93 -26.29 27.57
N THR C 88 -17.85 -25.31 26.64
CA THR C 88 -18.71 -25.30 25.47
C THR C 88 -17.89 -25.29 24.18
N GLN C 89 -16.82 -24.49 24.16
CA GLN C 89 -16.03 -24.42 22.93
C GLN C 89 -14.74 -23.69 23.22
N LEU C 90 -13.77 -23.86 22.32
CA LEU C 90 -12.65 -22.94 22.26
C LEU C 90 -12.55 -22.29 20.87
N HIS C 91 -11.92 -21.11 20.83
CA HIS C 91 -11.70 -20.38 19.59
C HIS C 91 -10.43 -19.54 19.72
N LEU C 92 -10.07 -18.88 18.64
CA LEU C 92 -8.86 -18.06 18.68
C LEU C 92 -9.10 -16.67 18.08
N HIS C 93 -8.19 -15.75 18.40
CA HIS C 93 -8.20 -14.41 17.86
C HIS C 93 -6.80 -14.10 17.37
N TRP C 94 -6.70 -13.45 16.19
CA TRP C 94 -5.35 -13.21 15.66
C TRP C 94 -5.33 -11.90 14.83
N GLY C 95 -4.14 -11.50 14.39
CA GLY C 95 -3.93 -10.32 13.55
C GLY C 95 -3.76 -10.70 12.09
N ASN C 96 -2.63 -10.28 11.50
CA ASN C 96 -2.42 -10.54 10.08
C ASN C 96 -0.92 -10.56 9.82
N PRO C 97 -0.44 -11.13 8.69
CA PRO C 97 0.99 -11.26 8.52
C PRO C 97 1.79 -9.95 8.50
N ASN C 98 1.18 -8.83 8.06
CA ASN C 98 1.86 -7.55 8.08
C ASN C 98 1.90 -6.91 9.48
N ASP C 99 1.03 -7.35 10.40
CA ASP C 99 0.93 -6.79 11.76
C ASP C 99 0.52 -7.92 12.69
N PRO C 100 1.44 -8.85 12.99
CA PRO C 100 1.09 -10.14 13.61
C PRO C 100 0.97 -9.97 15.12
N HIS C 101 -0.01 -9.15 15.58
CA HIS C 101 -0.15 -8.80 16.98
C HIS C 101 -1.65 -8.66 17.31
N GLY C 102 -2.34 -9.80 17.34
CA GLY C 102 -3.80 -9.78 17.36
C GLY C 102 -4.38 -10.59 18.53
N SER C 103 -3.68 -10.55 19.65
CA SER C 103 -4.32 -10.87 20.91
C SER C 103 -5.42 -9.85 21.22
N GLU C 104 -6.34 -10.19 22.11
CA GLU C 104 -7.39 -9.27 22.60
C GLU C 104 -6.87 -8.50 23.83
N HIS C 105 -6.53 -9.25 24.89
CA HIS C 105 -5.85 -8.67 26.06
C HIS C 105 -4.44 -8.18 25.70
N THR C 106 -4.04 -7.05 26.27
CA THR C 106 -2.66 -6.64 26.16
C THR C 106 -2.06 -6.62 27.57
N VAL C 107 -0.70 -6.68 27.60
CA VAL C 107 0.06 -6.61 28.85
C VAL C 107 0.99 -5.40 28.73
N SER C 108 0.79 -4.41 29.62
CA SER C 108 1.59 -3.19 29.60
C SER C 108 1.61 -2.64 28.18
N GLY C 109 0.42 -2.63 27.57
CA GLY C 109 0.17 -1.95 26.31
C GLY C 109 0.56 -2.79 25.11
N GLN C 110 1.06 -4.02 25.35
CA GLN C 110 1.59 -4.78 24.23
C GLN C 110 0.64 -5.92 23.88
N HIS C 111 0.32 -6.02 22.59
CA HIS C 111 -0.37 -7.20 22.11
C HIS C 111 0.55 -8.42 22.02
N PHE C 112 -0.02 -9.61 22.19
CA PHE C 112 0.59 -10.88 21.78
C PHE C 112 0.24 -11.15 20.34
N ALA C 113 0.75 -12.24 19.78
CA ALA C 113 0.49 -12.64 18.40
C ALA C 113 -0.94 -13.08 18.23
N ALA C 114 -1.44 -13.83 19.24
CA ALA C 114 -2.79 -14.35 19.13
C ALA C 114 -3.27 -14.70 20.52
N GLU C 115 -4.55 -15.05 20.64
CA GLU C 115 -5.07 -15.43 21.94
C GLU C 115 -6.02 -16.60 21.74
N LEU C 116 -5.98 -17.55 22.68
CA LEU C 116 -6.94 -18.68 22.66
C LEU C 116 -7.91 -18.49 23.80
N HIS C 117 -9.22 -18.67 23.57
CA HIS C 117 -10.26 -18.60 24.61
C HIS C 117 -10.93 -19.98 24.71
N ILE C 118 -11.01 -20.51 25.94
CA ILE C 118 -11.80 -21.68 26.25
C ILE C 118 -13.04 -21.24 27.03
N VAL C 119 -14.22 -21.32 26.39
CA VAL C 119 -15.44 -20.72 26.91
C VAL C 119 -16.18 -21.81 27.70
N HIS C 120 -16.54 -21.44 28.94
CA HIS C 120 -17.29 -22.29 29.84
C HIS C 120 -18.53 -21.55 30.32
N TYR C 121 -19.56 -22.30 30.72
CA TYR C 121 -20.76 -21.70 31.24
C TYR C 121 -21.07 -22.31 32.61
N ASN C 122 -21.87 -21.59 33.40
CA ASN C 122 -22.17 -22.03 34.75
C ASN C 122 -23.26 -23.11 34.66
N SER C 123 -22.83 -24.37 34.72
CA SER C 123 -23.72 -25.49 34.50
C SER C 123 -24.51 -25.84 35.78
N ASP C 124 -24.15 -25.25 36.92
CA ASP C 124 -24.91 -25.43 38.13
C ASP C 124 -26.22 -24.63 38.03
N LEU C 125 -26.20 -23.46 37.35
CA LEU C 125 -27.34 -22.54 37.26
C LEU C 125 -28.11 -22.68 35.93
N TYR C 126 -27.39 -23.03 34.83
CA TYR C 126 -27.97 -22.95 33.50
C TYR C 126 -27.72 -24.18 32.67
N PRO C 127 -28.63 -24.55 31.73
CA PRO C 127 -28.44 -25.77 30.94
C PRO C 127 -27.45 -25.71 29.78
N ASP C 128 -27.06 -24.49 29.33
CA ASP C 128 -26.20 -24.36 28.17
C ASP C 128 -25.63 -22.94 28.13
N ALA C 129 -24.62 -22.69 27.26
CA ALA C 129 -23.93 -21.41 27.26
C ALA C 129 -24.84 -20.29 26.76
N SER C 130 -25.68 -20.61 25.78
CA SER C 130 -26.48 -19.51 25.23
C SER C 130 -27.42 -19.00 26.32
N THR C 131 -28.10 -19.92 27.04
CA THR C 131 -28.97 -19.48 28.13
C THR C 131 -28.15 -18.77 29.22
N ALA C 132 -26.95 -19.29 29.56
CA ALA C 132 -26.11 -18.65 30.57
C ALA C 132 -25.65 -17.27 30.14
N SER C 133 -25.61 -17.01 28.82
CA SER C 133 -24.68 -15.99 28.35
C SER C 133 -25.16 -14.59 28.76
N ASN C 134 -26.46 -14.43 28.96
CA ASN C 134 -26.96 -13.09 29.22
C ASN C 134 -27.41 -13.04 30.68
N LYS C 135 -26.85 -13.94 31.49
CA LYS C 135 -27.35 -14.12 32.84
C LYS C 135 -26.21 -14.02 33.85
N SER C 136 -26.57 -13.67 35.06
CA SER C 136 -25.61 -13.39 36.12
C SER C 136 -24.69 -14.60 36.28
N GLU C 137 -23.41 -14.26 36.46
CA GLU C 137 -22.37 -15.27 36.67
C GLU C 137 -22.37 -16.35 35.60
N GLY C 138 -22.76 -16.00 34.38
CA GLY C 138 -23.08 -17.03 33.40
C GLY C 138 -21.88 -17.76 32.81
N LEU C 139 -20.76 -17.04 32.55
CA LEU C 139 -19.71 -17.57 31.73
C LEU C 139 -18.37 -17.38 32.43
N ALA C 140 -17.43 -18.28 32.11
CA ALA C 140 -16.04 -18.16 32.54
C ALA C 140 -15.17 -18.51 31.34
N VAL C 141 -14.15 -17.67 31.07
CA VAL C 141 -13.29 -17.95 29.95
C VAL C 141 -11.86 -18.13 30.47
N LEU C 142 -11.15 -19.13 29.93
CA LEU C 142 -9.71 -19.22 30.14
C LEU C 142 -9.05 -18.65 28.89
N ALA C 143 -8.22 -17.64 29.08
CA ALA C 143 -7.45 -17.00 28.02
C ALA C 143 -5.98 -17.37 28.06
N VAL C 144 -5.47 -17.76 26.90
CA VAL C 144 -4.07 -18.08 26.78
C VAL C 144 -3.45 -17.13 25.74
N LEU C 145 -2.44 -16.38 26.15
CA LEU C 145 -1.69 -15.50 25.26
C LEU C 145 -0.68 -16.30 24.45
N ILE C 146 -0.56 -15.99 23.15
CA ILE C 146 0.25 -16.79 22.22
C ILE C 146 1.29 -15.87 21.60
N GLU C 147 2.58 -16.27 21.70
CA GLU C 147 3.66 -15.62 20.98
C GLU C 147 4.38 -16.56 20.02
N MET C 148 5.22 -15.96 19.16
CA MET C 148 5.94 -16.75 18.19
C MET C 148 7.19 -17.31 18.88
N GLY C 149 7.46 -18.60 18.67
CA GLY C 149 8.66 -19.21 19.21
C GLY C 149 8.76 -20.67 18.72
N SER C 150 8.97 -21.61 19.67
CA SER C 150 9.07 -23.03 19.43
C SER C 150 7.81 -23.55 18.74
N PHE C 151 8.02 -24.50 17.80
CA PHE C 151 6.93 -25.31 17.29
C PHE C 151 6.18 -25.99 18.42
N ASN C 152 4.84 -25.94 18.35
CA ASN C 152 3.99 -26.46 19.40
C ASN C 152 3.20 -27.65 18.86
N PRO C 153 3.59 -28.92 19.13
CA PRO C 153 2.80 -30.08 18.68
C PRO C 153 1.33 -30.05 19.09
N SER C 154 1.08 -29.57 20.33
CA SER C 154 -0.25 -29.63 20.84
C SER C 154 -1.17 -28.69 20.07
N TYR C 155 -0.71 -27.44 19.83
CA TYR C 155 -1.48 -26.51 19.02
C TYR C 155 -1.67 -27.06 17.61
N ASP C 156 -0.72 -27.87 17.16
CA ASP C 156 -0.82 -28.39 15.80
C ASP C 156 -1.97 -29.41 15.71
N LYS C 157 -2.39 -29.97 16.86
CA LYS C 157 -3.49 -30.92 16.87
C LYS C 157 -4.73 -30.18 16.40
N ILE C 158 -4.72 -28.83 16.54
CA ILE C 158 -5.80 -28.02 16.01
C ILE C 158 -5.49 -27.51 14.61
N PHE C 159 -4.32 -26.89 14.46
CA PHE C 159 -4.06 -26.13 13.24
C PHE C 159 -3.93 -27.01 12.00
N SER C 160 -3.59 -28.30 12.21
CA SER C 160 -3.39 -29.25 11.11
C SER C 160 -4.71 -29.50 10.39
N HIS C 161 -5.81 -28.98 10.97
CA HIS C 161 -7.14 -29.14 10.41
C HIS C 161 -7.69 -27.87 9.76
N LEU C 162 -6.99 -26.73 9.84
CA LEU C 162 -7.58 -25.47 9.39
C LEU C 162 -7.98 -25.46 7.90
N GLN C 163 -7.27 -26.23 7.08
CA GLN C 163 -7.50 -26.32 5.63
C GLN C 163 -8.91 -26.85 5.32
N HIS C 164 -9.44 -27.67 6.24
CA HIS C 164 -10.75 -28.30 6.07
C HIS C 164 -11.89 -27.37 6.48
N VAL C 165 -11.55 -26.23 7.10
CA VAL C 165 -12.55 -25.31 7.64
C VAL C 165 -12.28 -23.90 7.11
N LYS C 166 -11.62 -23.91 5.94
CA LYS C 166 -11.00 -22.74 5.32
C LYS C 166 -12.07 -21.67 5.12
N TYR C 167 -13.25 -22.12 4.73
CA TYR C 167 -14.34 -21.18 4.41
C TYR C 167 -15.49 -21.36 5.41
N LYS C 168 -16.45 -20.44 5.36
CA LYS C 168 -17.50 -20.32 6.35
C LYS C 168 -18.55 -21.40 6.13
N GLY C 169 -19.08 -21.96 7.23
CA GLY C 169 -20.05 -23.02 7.15
C GLY C 169 -19.38 -24.40 7.19
N GLN C 170 -18.05 -24.41 7.07
CA GLN C 170 -17.31 -25.65 6.91
C GLN C 170 -16.95 -26.22 8.28
N GLU C 171 -16.86 -27.57 8.36
CA GLU C 171 -16.79 -28.40 9.57
C GLU C 171 -15.78 -29.55 9.41
N ALA C 172 -15.16 -29.97 10.52
CA ALA C 172 -14.29 -31.13 10.48
C ALA C 172 -14.11 -31.71 11.87
N PHE C 173 -13.69 -32.97 11.94
CA PHE C 173 -13.59 -33.66 13.21
C PHE C 173 -12.14 -33.74 13.68
N VAL C 174 -11.92 -33.50 14.99
CA VAL C 174 -10.57 -33.54 15.53
C VAL C 174 -10.56 -34.60 16.63
N PRO C 175 -9.73 -35.65 16.56
CA PRO C 175 -9.71 -36.67 17.61
C PRO C 175 -9.36 -36.05 18.95
N GLY C 176 -9.95 -36.57 20.04
CA GLY C 176 -9.63 -36.10 21.37
C GLY C 176 -8.14 -36.04 21.65
N PHE C 177 -7.72 -34.98 22.32
CA PHE C 177 -6.41 -34.90 22.93
C PHE C 177 -6.55 -34.11 24.21
N ASN C 178 -5.45 -34.02 24.95
CA ASN C 178 -5.49 -33.46 26.27
C ASN C 178 -5.49 -31.93 26.12
N ILE C 179 -6.66 -31.26 26.25
CA ILE C 179 -6.79 -29.83 26.02
C ILE C 179 -5.87 -29.07 26.98
N GLU C 180 -5.53 -29.70 28.10
CA GLU C 180 -4.66 -29.03 29.07
C GLU C 180 -3.31 -28.77 28.41
N GLU C 181 -3.03 -29.48 27.29
CA GLU C 181 -1.74 -29.27 26.65
C GLU C 181 -1.71 -27.88 25.97
N LEU C 182 -2.89 -27.22 25.79
CA LEU C 182 -2.96 -25.90 25.14
C LEU C 182 -2.67 -24.80 26.17
N LEU C 183 -2.66 -25.16 27.47
CA LEU C 183 -2.48 -24.22 28.57
C LEU C 183 -0.96 -24.01 28.76
N PRO C 184 -0.56 -22.82 29.23
CA PRO C 184 0.87 -22.55 29.45
C PRO C 184 1.40 -23.22 30.68
N GLU C 185 2.72 -23.05 30.90
CA GLU C 185 3.36 -23.37 32.16
C GLU C 185 2.81 -22.53 33.33
N ARG C 186 2.78 -23.14 34.52
CA ARG C 186 2.44 -22.44 35.75
C ARG C 186 1.05 -21.80 35.62
N THR C 187 0.05 -22.64 35.35
CA THR C 187 -1.33 -22.16 35.31
C THR C 187 -1.76 -21.60 36.65
N ALA C 188 -0.99 -21.88 37.71
CA ALA C 188 -1.31 -21.30 39.00
C ALA C 188 -1.26 -19.77 38.94
N GLU C 189 -0.53 -19.20 37.94
CA GLU C 189 -0.25 -17.77 37.85
C GLU C 189 -1.21 -17.19 36.78
N TYR C 190 -2.12 -16.31 37.22
CA TYR C 190 -3.12 -15.79 36.31
C TYR C 190 -3.59 -14.41 36.80
N TYR C 191 -4.18 -13.69 35.85
CA TYR C 191 -4.96 -12.50 36.12
C TYR C 191 -6.45 -12.88 36.16
N ARG C 192 -7.24 -12.14 36.97
CA ARG C 192 -8.65 -12.44 37.14
C ARG C 192 -9.38 -11.10 37.16
N TYR C 193 -10.45 -10.98 36.35
CA TYR C 193 -11.35 -9.82 36.46
C TYR C 193 -12.72 -10.22 35.94
N ARG C 194 -13.72 -9.41 36.30
CA ARG C 194 -15.09 -9.53 35.78
C ARG C 194 -15.26 -8.63 34.55
N GLY C 195 -15.61 -9.25 33.44
CA GLY C 195 -15.80 -8.50 32.20
C GLY C 195 -16.88 -9.08 31.33
N SER C 196 -16.67 -9.06 29.99
CA SER C 196 -17.75 -9.30 29.06
C SER C 196 -17.29 -10.28 27.98
N LEU C 197 -18.24 -10.72 27.15
CA LEU C 197 -17.86 -11.32 25.88
C LEU C 197 -17.14 -10.22 25.10
N THR C 198 -16.13 -10.61 24.32
CA THR C 198 -15.43 -9.64 23.48
C THR C 198 -16.02 -9.62 22.07
N THR C 199 -17.14 -10.33 21.87
CA THR C 199 -17.87 -10.26 20.62
C THR C 199 -19.29 -9.96 20.97
N PRO C 200 -20.10 -9.49 20.00
CA PRO C 200 -21.55 -9.48 20.26
C PRO C 200 -22.00 -10.82 20.81
N PRO C 201 -23.00 -10.86 21.72
CA PRO C 201 -23.68 -9.68 22.20
C PRO C 201 -23.02 -8.85 23.32
N CYS C 202 -21.74 -9.13 23.61
CA CYS C 202 -20.97 -8.33 24.56
C CYS C 202 -21.54 -8.35 25.98
N ASN C 203 -22.28 -9.39 26.36
CA ASN C 203 -22.85 -9.36 27.70
C ASN C 203 -21.79 -9.29 28.79
N PRO C 204 -22.02 -8.48 29.85
CA PRO C 204 -21.04 -8.36 30.94
C PRO C 204 -21.17 -9.48 31.94
N THR C 205 -21.00 -10.72 31.44
CA THR C 205 -21.28 -11.92 32.24
C THR C 205 -20.10 -12.88 32.36
N VAL C 206 -18.91 -12.41 32.00
CA VAL C 206 -17.73 -13.28 31.92
C VAL C 206 -16.74 -13.08 33.06
N LEU C 207 -16.48 -14.15 33.76
CA LEU C 207 -15.35 -14.19 34.69
C LEU C 207 -14.11 -14.56 33.89
N TRP C 208 -13.20 -13.60 33.74
CA TRP C 208 -11.99 -13.80 32.94
C TRP C 208 -10.83 -14.33 33.77
N THR C 209 -10.19 -15.35 33.20
CA THR C 209 -8.94 -15.79 33.76
C THR C 209 -7.92 -15.79 32.62
N VAL C 210 -6.93 -14.88 32.70
CA VAL C 210 -5.92 -14.74 31.66
C VAL C 210 -4.61 -15.30 32.24
N PHE C 211 -4.09 -16.39 31.68
CA PHE C 211 -2.89 -16.92 32.31
C PHE C 211 -1.72 -15.94 32.13
N ARG C 212 -0.85 -15.92 33.14
CA ARG C 212 0.26 -14.94 33.17
C ARG C 212 1.26 -15.26 32.05
N ASN C 213 1.53 -16.56 31.88
CA ASN C 213 2.57 -16.92 30.91
C ASN C 213 2.01 -17.30 29.54
N PRO C 214 2.64 -16.84 28.44
CA PRO C 214 2.19 -17.17 27.09
C PRO C 214 2.64 -18.58 26.69
N VAL C 215 1.99 -19.17 25.70
CA VAL C 215 2.52 -20.33 24.98
C VAL C 215 3.21 -19.83 23.72
N GLN C 216 3.98 -20.74 23.13
CA GLN C 216 4.64 -20.43 21.89
C GLN C 216 4.13 -21.33 20.77
N ILE C 217 4.00 -20.72 19.57
CA ILE C 217 3.81 -21.47 18.33
C ILE C 217 4.88 -21.02 17.33
N SER C 218 5.27 -21.88 16.39
CA SER C 218 6.37 -21.45 15.52
C SER C 218 5.89 -20.35 14.58
N GLN C 219 6.86 -19.68 13.94
CA GLN C 219 6.53 -18.67 12.95
C GLN C 219 5.66 -19.30 11.88
N GLU C 220 5.95 -20.57 11.54
CA GLU C 220 5.18 -21.27 10.53
C GLU C 220 3.74 -21.49 10.98
N GLN C 221 3.52 -21.91 12.24
CA GLN C 221 2.17 -22.10 12.78
C GLN C 221 1.40 -20.78 12.72
N LEU C 222 2.05 -19.68 13.14
CA LEU C 222 1.34 -18.41 13.23
C LEU C 222 0.91 -17.94 11.85
N LEU C 223 1.82 -18.13 10.88
CA LEU C 223 1.54 -17.65 9.55
C LEU C 223 0.42 -18.48 8.96
N ALA C 224 0.39 -19.79 9.29
CA ALA C 224 -0.69 -20.67 8.82
C ALA C 224 -2.04 -20.19 9.35
N LEU C 225 -2.15 -19.91 10.65
CA LEU C 225 -3.40 -19.48 11.26
C LEU C 225 -3.86 -18.16 10.62
N GLU C 226 -2.91 -17.27 10.38
CA GLU C 226 -3.22 -15.95 9.83
C GLU C 226 -3.67 -15.98 8.37
N THR C 227 -3.41 -17.08 7.65
CA THR C 227 -3.61 -17.09 6.21
C THR C 227 -4.61 -18.17 5.79
N ALA C 228 -5.05 -19.02 6.73
CA ALA C 228 -5.78 -20.23 6.33
C ALA C 228 -7.26 -19.95 6.10
N LEU C 229 -7.81 -18.94 6.81
CA LEU C 229 -9.26 -18.90 6.89
C LEU C 229 -9.82 -17.66 6.20
N TYR C 230 -11.07 -17.83 5.74
CA TYR C 230 -11.85 -16.74 5.18
C TYR C 230 -13.13 -16.55 6.00
N CYS C 231 -13.67 -15.33 5.98
CA CYS C 231 -14.92 -15.06 6.67
C CYS C 231 -16.11 -15.41 5.82
N THR C 232 -15.87 -15.60 4.52
CA THR C 232 -16.92 -15.65 3.51
C THR C 232 -17.08 -17.10 3.05
N HIS C 233 -18.25 -17.38 2.44
CA HIS C 233 -18.60 -18.67 1.87
C HIS C 233 -17.64 -19.02 0.74
N MET C 234 -17.46 -20.32 0.52
CA MET C 234 -16.49 -20.85 -0.45
C MET C 234 -16.67 -20.16 -1.80
N ASP C 235 -17.92 -19.85 -2.18
CA ASP C 235 -18.14 -19.37 -3.54
C ASP C 235 -18.53 -17.89 -3.57
N ASP C 236 -18.20 -17.15 -2.52
CA ASP C 236 -18.36 -15.70 -2.55
C ASP C 236 -17.35 -15.11 -3.52
N PRO C 237 -17.78 -14.30 -4.52
CA PRO C 237 -16.89 -13.71 -5.50
C PRO C 237 -16.17 -12.46 -4.96
N SER C 238 -16.40 -12.17 -3.68
CA SER C 238 -15.71 -11.10 -3.00
C SER C 238 -15.12 -11.65 -1.70
N PRO C 239 -14.11 -12.56 -1.74
CA PRO C 239 -13.67 -13.23 -0.53
C PRO C 239 -13.07 -12.20 0.43
N ARG C 240 -13.33 -12.39 1.72
CA ARG C 240 -12.66 -11.63 2.77
C ARG C 240 -11.85 -12.61 3.61
N GLU C 241 -10.53 -12.35 3.73
CA GLU C 241 -9.67 -13.04 4.67
C GLU C 241 -10.21 -12.88 6.08
N MET C 242 -10.09 -13.94 6.88
CA MET C 242 -10.32 -13.87 8.31
C MET C 242 -9.01 -13.49 9.02
N ILE C 243 -8.91 -12.18 9.25
CA ILE C 243 -7.74 -11.58 9.86
C ILE C 243 -8.21 -10.47 10.80
N ASN C 244 -7.36 -10.13 11.74
CA ASN C 244 -7.62 -9.02 12.66
C ASN C 244 -8.97 -9.18 13.37
N ASN C 245 -9.26 -10.40 13.84
CA ASN C 245 -10.54 -10.74 14.43
C ASN C 245 -10.46 -10.60 15.93
N PHE C 246 -10.02 -9.41 16.38
CA PHE C 246 -9.89 -9.16 17.80
C PHE C 246 -10.59 -7.84 18.03
N ARG C 247 -11.05 -7.63 19.26
CA ARG C 247 -11.58 -6.33 19.62
C ARG C 247 -10.48 -5.45 20.13
N GLN C 248 -10.61 -4.16 19.88
CA GLN C 248 -9.73 -3.21 20.55
C GLN C 248 -9.94 -3.26 22.07
N VAL C 249 -8.91 -2.92 22.83
CA VAL C 249 -9.05 -2.78 24.28
C VAL C 249 -10.03 -1.66 24.66
N GLN C 250 -10.69 -1.87 25.77
CA GLN C 250 -11.69 -1.00 26.32
C GLN C 250 -11.15 -0.19 27.48
N LYS C 251 -11.69 0.99 27.71
CA LYS C 251 -11.31 1.70 28.92
C LYS C 251 -11.70 0.85 30.13
N PHE C 252 -10.90 0.96 31.18
CA PHE C 252 -11.09 0.20 32.41
C PHE C 252 -10.59 1.10 33.55
N ASP C 253 -11.49 1.85 34.15
CA ASP C 253 -11.04 2.88 35.07
C ASP C 253 -11.60 2.67 36.47
N GLU C 254 -10.78 3.03 37.46
N GLU C 254 -10.79 3.01 37.46
CA GLU C 254 -11.14 2.88 38.85
CA GLU C 254 -11.17 2.87 38.86
C GLU C 254 -11.50 1.42 39.10
C GLU C 254 -11.48 1.40 39.13
N ARG C 255 -10.77 0.49 38.44
CA ARG C 255 -11.01 -0.92 38.67
C ARG C 255 -9.67 -1.65 38.78
N LEU C 256 -9.70 -2.83 39.44
CA LEU C 256 -8.48 -3.62 39.56
C LEU C 256 -8.59 -4.91 38.77
N VAL C 257 -7.39 -5.43 38.47
CA VAL C 257 -7.22 -6.76 37.97
C VAL C 257 -6.49 -7.52 39.06
N TYR C 258 -7.14 -8.58 39.53
CA TYR C 258 -6.54 -9.34 40.63
C TYR C 258 -5.57 -10.37 40.05
N THR C 259 -4.48 -10.61 40.81
CA THR C 259 -3.47 -11.57 40.37
C THR C 259 -3.26 -12.63 41.45
N SER C 260 -3.07 -13.87 40.95
CA SER C 260 -2.80 -14.98 41.89
C SER C 260 -1.33 -15.00 42.28
N PHE C 261 -0.58 -14.09 41.69
CA PHE C 261 0.83 -13.99 41.99
C PHE C 261 1.16 -12.59 42.50
N SER C 262 2.31 -12.48 43.17
CA SER C 262 2.94 -11.20 43.47
C SER C 262 4.32 -11.23 42.81
N LYS D 3 -25.25 15.03 23.31
CA LYS D 3 -24.81 14.68 24.69
C LYS D 3 -23.90 13.46 24.65
N TRP D 4 -23.23 13.24 23.49
CA TRP D 4 -22.13 12.27 23.47
C TRP D 4 -21.11 12.56 24.57
N THR D 5 -20.51 11.49 25.12
CA THR D 5 -19.56 11.63 26.23
C THR D 5 -18.39 10.68 25.98
N TYR D 6 -17.49 10.63 26.99
CA TYR D 6 -16.47 9.62 27.00
C TYR D 6 -16.68 8.54 28.06
N PHE D 7 -17.85 8.44 28.69
CA PHE D 7 -18.06 7.46 29.74
C PHE D 7 -19.53 7.18 29.91
N GLY D 8 -19.90 5.89 29.93
CA GLY D 8 -21.27 5.54 30.25
C GLY D 8 -22.03 5.28 28.97
N PRO D 9 -23.38 5.33 29.01
CA PRO D 9 -24.21 4.90 27.91
C PRO D 9 -24.03 5.66 26.61
N ASP D 10 -23.57 6.91 26.71
CA ASP D 10 -23.37 7.75 25.51
C ASP D 10 -21.89 7.88 25.13
N GLY D 11 -21.09 6.98 25.69
CA GLY D 11 -19.66 6.94 25.47
C GLY D 11 -19.31 6.38 24.07
N GLU D 12 -18.02 6.15 23.85
CA GLU D 12 -17.48 6.06 22.50
C GLU D 12 -17.99 4.83 21.75
N ASN D 13 -18.34 3.74 22.43
CA ASN D 13 -18.86 2.60 21.68
C ASN D 13 -20.28 2.84 21.16
N SER D 14 -20.86 3.95 21.59
CA SER D 14 -22.25 4.27 21.17
C SER D 14 -22.28 5.46 20.21
N TRP D 15 -21.19 6.10 19.95
CA TRP D 15 -21.17 7.32 19.14
C TRP D 15 -21.75 7.02 17.76
N SER D 16 -21.49 5.82 17.19
CA SER D 16 -21.96 5.44 15.85
C SER D 16 -23.48 5.43 15.76
N LYS D 17 -24.21 5.28 16.90
CA LYS D 17 -25.70 5.25 16.80
C LYS D 17 -26.13 6.60 16.27
N LYS D 18 -25.49 7.71 16.60
CA LYS D 18 -25.94 9.05 16.20
C LYS D 18 -25.09 9.68 15.10
N TYR D 19 -23.86 9.17 14.94
CA TYR D 19 -22.83 9.80 14.13
C TYR D 19 -22.26 8.70 13.25
N PRO D 20 -22.85 8.43 12.08
CA PRO D 20 -22.49 7.22 11.33
C PRO D 20 -21.01 7.13 11.02
N SER D 21 -20.31 8.25 10.80
CA SER D 21 -18.90 8.16 10.46
C SER D 21 -18.10 7.56 11.59
N CYS D 22 -18.59 7.61 12.82
CA CYS D 22 -17.80 7.06 13.93
C CYS D 22 -17.67 5.54 13.80
N GLY D 23 -18.56 4.88 13.01
CA GLY D 23 -18.50 3.46 12.73
C GLY D 23 -18.02 3.14 11.32
N GLY D 24 -17.46 4.16 10.65
CA GLY D 24 -16.97 3.98 9.29
C GLY D 24 -15.46 3.72 9.26
N LEU D 25 -14.90 3.91 8.09
CA LEU D 25 -13.51 3.63 7.88
C LEU D 25 -12.64 4.82 8.26
N LEU D 26 -11.33 4.55 8.36
CA LEU D 26 -10.19 5.46 8.51
C LEU D 26 -10.33 6.32 9.77
N GLN D 27 -10.70 5.67 10.87
CA GLN D 27 -10.86 6.40 12.11
C GLN D 27 -9.53 6.66 12.84
N SER D 28 -9.57 7.70 13.63
CA SER D 28 -8.43 8.08 14.48
C SER D 28 -8.92 8.12 15.95
N PRO D 29 -8.06 8.04 16.95
CA PRO D 29 -6.59 7.89 16.82
C PRO D 29 -6.19 6.44 16.61
N ILE D 30 -4.85 6.23 16.55
CA ILE D 30 -4.21 4.92 16.24
C ILE D 30 -2.92 4.80 17.06
N ASP D 31 -2.55 3.53 17.19
CA ASP D 31 -1.26 3.27 17.85
C ASP D 31 -0.13 3.32 16.84
N LEU D 32 0.89 4.13 17.12
CA LEU D 32 2.03 4.24 16.21
C LEU D 32 3.06 3.19 16.65
N HIS D 33 3.27 2.14 15.82
CA HIS D 33 4.16 1.05 16.17
C HIS D 33 4.90 0.60 14.91
N SER D 34 6.09 0.01 15.10
CA SER D 34 7.03 -0.31 14.03
C SER D 34 6.39 -0.96 12.82
N ASP D 35 5.49 -1.94 13.03
CA ASP D 35 5.06 -2.78 11.91
C ASP D 35 4.33 -1.99 10.82
N ILE D 36 3.79 -0.82 11.17
CA ILE D 36 2.96 -0.07 10.26
C ILE D 36 3.60 1.24 9.81
N LEU D 37 4.86 1.48 10.20
CA LEU D 37 5.57 2.66 9.78
C LEU D 37 6.33 2.45 8.49
N GLN D 38 6.29 3.49 7.64
CA GLN D 38 7.09 3.43 6.42
C GLN D 38 7.65 4.81 6.14
N TYR D 39 8.97 4.91 5.92
CA TYR D 39 9.60 6.17 5.55
C TYR D 39 9.11 6.66 4.18
N ASP D 40 8.85 8.00 4.10
CA ASP D 40 8.40 8.60 2.85
C ASP D 40 9.19 9.88 2.63
N ALA D 41 10.03 9.87 1.62
CA ALA D 41 10.91 10.99 1.30
C ALA D 41 10.11 12.23 0.87
N SER D 42 8.81 12.08 0.57
CA SER D 42 7.99 13.24 0.18
C SER D 42 7.64 14.11 1.39
N LEU D 43 7.85 13.58 2.61
CA LEU D 43 7.45 14.24 3.84
C LEU D 43 8.51 15.29 4.22
N THR D 44 8.42 16.46 3.60
CA THR D 44 9.34 17.57 3.76
C THR D 44 8.84 18.43 4.90
N PRO D 45 9.66 19.34 5.48
CA PRO D 45 9.19 20.06 6.67
C PRO D 45 7.99 20.96 6.38
N LEU D 46 7.06 20.98 7.34
CA LEU D 46 5.99 21.98 7.32
C LEU D 46 6.61 23.36 7.64
N GLU D 47 5.99 24.40 7.06
CA GLU D 47 6.25 25.76 7.53
C GLU D 47 5.03 26.27 8.29
N PHE D 48 5.32 26.87 9.43
CA PHE D 48 4.30 27.44 10.34
C PHE D 48 4.24 28.95 10.16
N GLN D 49 3.12 29.44 9.58
CA GLN D 49 3.01 30.85 9.18
C GLN D 49 1.99 31.56 10.09
N GLY D 50 2.33 32.75 10.59
CA GLY D 50 1.37 33.51 11.38
C GLY D 50 1.06 32.86 12.73
N TYR D 51 1.97 31.99 13.25
CA TYR D 51 1.78 31.38 14.57
C TYR D 51 2.12 32.35 15.70
N ASN D 52 2.89 33.41 15.35
CA ASN D 52 3.32 34.31 16.43
C ASN D 52 2.21 35.35 16.67
N LEU D 53 1.27 35.03 17.59
CA LEU D 53 0.13 35.91 17.82
C LEU D 53 0.54 37.04 18.77
N SER D 54 0.08 38.25 18.50
CA SER D 54 0.44 39.39 19.32
C SER D 54 -0.16 39.26 20.72
N ALA D 55 0.69 39.49 21.71
CA ALA D 55 0.27 39.60 23.10
C ALA D 55 -0.71 40.75 23.35
N ASN D 56 -0.89 41.69 22.40
CA ASN D 56 -1.79 42.82 22.62
C ASN D 56 -3.12 42.53 21.92
N LYS D 57 -3.21 41.33 21.31
CA LYS D 57 -4.49 40.89 20.79
C LYS D 57 -5.00 39.81 21.74
N GLN D 58 -6.28 39.49 21.59
CA GLN D 58 -6.83 38.45 22.44
C GLN D 58 -7.66 37.45 21.63
N PHE D 59 -7.69 36.21 22.13
CA PHE D 59 -8.18 35.03 21.44
C PHE D 59 -9.11 34.29 22.40
N LEU D 60 -10.23 33.85 21.85
CA LEU D 60 -11.32 33.37 22.68
C LEU D 60 -11.10 31.93 23.08
N LEU D 61 -11.06 31.70 24.40
CA LEU D 61 -11.05 30.37 24.99
C LEU D 61 -12.48 30.00 25.32
N THR D 62 -12.93 28.77 24.98
CA THR D 62 -14.31 28.39 25.19
C THR D 62 -14.29 26.96 25.73
N ASN D 63 -15.06 26.72 26.78
CA ASN D 63 -15.30 25.36 27.20
C ASN D 63 -16.49 24.89 26.43
N ASN D 64 -16.18 23.85 25.63
CA ASN D 64 -17.31 23.46 24.81
C ASN D 64 -18.10 22.27 25.35
N GLY D 65 -17.78 21.85 26.56
CA GLY D 65 -18.41 20.66 27.08
C GLY D 65 -17.64 19.38 26.78
N HIS D 66 -16.57 19.39 25.91
CA HIS D 66 -15.77 18.22 25.50
C HIS D 66 -14.28 18.38 25.57
N SER D 67 -13.80 19.61 25.34
CA SER D 67 -12.39 19.93 25.57
C SER D 67 -12.37 21.43 25.84
N VAL D 68 -11.19 21.95 26.12
CA VAL D 68 -11.12 23.38 26.23
C VAL D 68 -10.58 23.80 24.84
N LYS D 69 -11.18 24.79 24.12
CA LYS D 69 -10.58 25.24 22.86
C LYS D 69 -10.22 26.73 22.83
N LEU D 70 -9.11 27.00 22.19
CA LEU D 70 -8.70 28.35 21.94
C LEU D 70 -8.86 28.60 20.45
N ASN D 71 -9.64 29.63 20.14
CA ASN D 71 -9.85 30.02 18.75
C ASN D 71 -8.60 30.67 18.20
N LEU D 72 -8.35 30.38 16.91
CA LEU D 72 -7.16 30.87 16.24
C LEU D 72 -7.54 31.62 14.96
N PRO D 73 -6.75 32.62 14.58
CA PRO D 73 -7.10 33.44 13.42
C PRO D 73 -6.73 32.77 12.10
N SER D 74 -7.56 33.02 11.05
CA SER D 74 -7.39 32.30 9.78
C SER D 74 -6.13 32.71 9.03
N ASP D 75 -5.50 33.80 9.45
CA ASP D 75 -4.23 34.19 8.83
C ASP D 75 -3.10 33.24 9.27
N MET D 76 -3.28 32.57 10.40
N MET D 76 -3.31 32.55 10.39
CA MET D 76 -2.27 31.61 10.83
CA MET D 76 -2.38 31.54 10.91
C MET D 76 -2.50 30.32 10.04
C MET D 76 -2.53 30.29 10.04
N HIS D 77 -1.44 29.76 9.47
CA HIS D 77 -1.64 28.64 8.56
C HIS D 77 -0.42 27.75 8.44
N ILE D 78 -0.59 26.59 7.81
CA ILE D 78 0.58 25.81 7.47
C ILE D 78 0.77 25.76 5.97
N GLN D 79 2.04 25.77 5.58
CA GLN D 79 2.43 25.53 4.20
C GLN D 79 3.20 24.22 4.11
N GLY D 80 3.07 23.53 2.96
CA GLY D 80 3.83 22.32 2.77
C GLY D 80 2.93 21.18 2.32
N LEU D 81 1.61 21.29 2.58
CA LEU D 81 0.70 20.25 2.11
C LEU D 81 0.22 20.53 0.68
N GLN D 82 -0.82 19.79 0.24
CA GLN D 82 -1.23 19.91 -1.16
C GLN D 82 -2.08 21.17 -1.37
N SER D 83 -2.52 21.78 -0.26
CA SER D 83 -3.31 22.99 -0.23
C SER D 83 -2.85 23.81 0.97
N ARG D 84 -3.18 25.11 1.01
CA ARG D 84 -3.05 25.87 2.26
C ARG D 84 -4.11 25.39 3.24
N TYR D 85 -3.67 25.12 4.48
CA TYR D 85 -4.54 24.83 5.60
C TYR D 85 -4.43 25.92 6.65
N SER D 86 -5.56 26.58 6.92
CA SER D 86 -5.58 27.71 7.84
C SER D 86 -6.07 27.31 9.23
N ALA D 87 -5.49 27.89 10.29
CA ALA D 87 -5.84 27.51 11.64
C ALA D 87 -7.31 27.87 11.95
N THR D 88 -7.94 27.05 12.84
CA THR D 88 -9.25 27.40 13.36
C THR D 88 -9.24 27.41 14.89
N GLN D 89 -8.58 26.40 15.53
CA GLN D 89 -8.66 26.30 16.99
C GLN D 89 -7.61 25.29 17.44
N LEU D 90 -7.22 25.36 18.71
CA LEU D 90 -6.51 24.26 19.36
C LEU D 90 -7.24 23.84 20.62
N HIS D 91 -6.98 22.59 21.04
CA HIS D 91 -7.59 21.98 22.20
C HIS D 91 -6.68 20.86 22.69
N LEU D 92 -7.09 20.27 23.82
CA LEU D 92 -6.32 19.18 24.40
C LEU D 92 -7.17 17.99 24.82
N HIS D 93 -6.52 16.85 24.95
CA HIS D 93 -7.11 15.63 25.45
C HIS D 93 -6.29 15.17 26.63
N TRP D 94 -6.92 14.63 27.69
CA TRP D 94 -6.17 14.23 28.87
C TRP D 94 -6.88 13.10 29.65
N GLY D 95 -6.26 12.60 30.71
CA GLY D 95 -6.80 11.55 31.55
C GLY D 95 -7.38 12.10 32.85
N ASN D 96 -6.86 11.61 34.00
CA ASN D 96 -7.50 11.97 35.24
C ASN D 96 -6.47 11.88 36.35
N PRO D 97 -6.71 12.44 37.55
CA PRO D 97 -5.68 12.54 38.56
C PRO D 97 -5.03 11.21 38.92
N ASN D 98 -5.79 10.11 38.94
CA ASN D 98 -5.21 8.84 39.31
C ASN D 98 -4.61 8.11 38.12
N ASP D 99 -4.92 8.54 36.89
CA ASP D 99 -4.41 7.94 35.66
C ASP D 99 -4.02 9.01 34.64
N PRO D 100 -2.91 9.70 34.81
CA PRO D 100 -2.55 10.83 33.92
C PRO D 100 -1.89 10.24 32.66
N HIS D 101 -2.69 9.53 31.86
CA HIS D 101 -2.19 8.85 30.66
C HIS D 101 -3.31 8.94 29.61
N GLY D 102 -3.57 10.18 29.17
CA GLY D 102 -4.78 10.43 28.40
C GLY D 102 -4.47 11.00 27.02
N SER D 103 -3.30 10.72 26.41
CA SER D 103 -3.12 11.00 25.00
C SER D 103 -4.11 10.17 24.18
N GLU D 104 -4.39 10.63 22.95
CA GLU D 104 -5.23 9.87 22.01
C GLU D 104 -4.38 8.88 21.22
N HIS D 105 -3.37 9.42 20.49
CA HIS D 105 -2.42 8.56 19.83
C HIS D 105 -1.48 7.90 20.88
N THR D 106 -1.15 6.63 20.64
CA THR D 106 -0.20 5.96 21.53
C THR D 106 0.99 5.58 20.66
N VAL D 107 2.14 5.36 21.35
CA VAL D 107 3.37 4.96 20.70
C VAL D 107 3.80 3.61 21.28
N SER D 108 3.94 2.60 20.42
CA SER D 108 4.28 1.24 20.84
C SER D 108 3.46 0.82 22.05
N GLY D 109 2.15 1.09 21.98
CA GLY D 109 1.17 0.63 22.95
C GLY D 109 1.03 1.51 24.21
N GLN D 110 1.81 2.59 24.29
CA GLN D 110 1.82 3.38 25.51
C GLN D 110 1.16 4.75 25.26
N HIS D 111 0.32 5.17 26.21
CA HIS D 111 -0.20 6.52 26.23
C HIS D 111 0.86 7.48 26.75
N PHE D 112 0.85 8.68 26.18
CA PHE D 112 1.39 9.85 26.79
C PHE D 112 0.43 10.43 27.84
N ALA D 113 0.86 11.47 28.55
CA ALA D 113 0.05 12.09 29.61
C ALA D 113 -1.15 12.79 28.98
N ALA D 114 -0.90 13.57 27.91
CA ALA D 114 -1.98 14.35 27.30
C ALA D 114 -1.55 14.60 25.85
N GLU D 115 -2.44 15.27 25.12
CA GLU D 115 -2.18 15.52 23.68
C GLU D 115 -2.77 16.89 23.31
N LEU D 116 -2.04 17.68 22.52
CA LEU D 116 -2.51 18.95 21.95
C LEU D 116 -2.80 18.77 20.50
N HIS D 117 -4.01 19.23 20.05
CA HIS D 117 -4.37 19.23 18.63
C HIS D 117 -4.52 20.68 18.18
N ILE D 118 -3.81 21.04 17.09
CA ILE D 118 -4.02 22.32 16.38
C ILE D 118 -4.74 22.09 15.06
N VAL D 119 -6.06 22.42 15.05
CA VAL D 119 -6.94 22.08 13.93
C VAL D 119 -6.87 23.20 12.88
N HIS D 120 -6.67 22.74 11.61
CA HIS D 120 -6.65 23.64 10.49
C HIS D 120 -7.62 23.10 9.42
N TYR D 121 -8.11 24.05 8.54
CA TYR D 121 -9.02 23.61 7.51
C TYR D 121 -8.52 24.07 6.15
N ASN D 122 -8.99 23.38 5.11
CA ASN D 122 -8.52 23.60 3.76
C ASN D 122 -9.15 24.91 3.23
N SER D 123 -8.45 26.01 3.35
CA SER D 123 -9.02 27.31 2.99
C SER D 123 -8.89 27.56 1.48
N ASP D 124 -8.16 26.68 0.76
CA ASP D 124 -8.18 26.71 -0.68
C ASP D 124 -9.54 26.27 -1.25
N LEU D 125 -10.23 25.40 -0.52
CA LEU D 125 -11.50 24.78 -0.98
C LEU D 125 -12.71 25.29 -0.22
N TYR D 126 -12.54 25.63 1.05
CA TYR D 126 -13.68 25.82 1.95
C TYR D 126 -13.54 27.15 2.69
N PRO D 127 -14.67 27.76 3.07
CA PRO D 127 -14.63 29.06 3.76
C PRO D 127 -14.31 28.96 5.26
N ASP D 128 -14.61 27.82 5.87
CA ASP D 128 -14.51 27.63 7.31
C ASP D 128 -14.40 26.15 7.67
N ALA D 129 -13.92 25.88 8.91
CA ALA D 129 -13.73 24.52 9.36
C ALA D 129 -15.07 23.80 9.41
N SER D 130 -16.17 24.48 9.81
CA SER D 130 -17.45 23.78 9.84
C SER D 130 -17.80 23.17 8.48
N THR D 131 -17.67 24.01 7.43
CA THR D 131 -18.02 23.60 6.06
C THR D 131 -17.02 22.54 5.58
N ALA D 132 -15.74 22.71 5.95
CA ALA D 132 -14.72 21.78 5.49
C ALA D 132 -14.85 20.39 6.15
N SER D 133 -15.38 20.33 7.38
CA SER D 133 -15.17 19.19 8.25
C SER D 133 -15.74 17.89 7.70
N ASN D 134 -16.81 17.97 6.87
CA ASN D 134 -17.41 16.76 6.29
C ASN D 134 -17.13 16.63 4.78
N LYS D 135 -16.07 17.30 4.31
CA LYS D 135 -15.79 17.31 2.87
C LYS D 135 -14.36 16.84 2.57
N SER D 136 -14.17 16.50 1.31
N SER D 136 -14.16 16.43 1.31
CA SER D 136 -12.91 15.94 0.86
CA SER D 136 -12.88 15.94 0.82
C SER D 136 -11.69 16.83 1.16
C SER D 136 -11.73 16.86 1.24
N GLU D 137 -10.67 16.25 1.80
CA GLU D 137 -9.45 17.00 2.10
C GLU D 137 -9.71 18.16 3.06
N GLY D 138 -10.75 18.08 3.89
CA GLY D 138 -11.24 19.25 4.63
C GLY D 138 -10.27 19.77 5.71
N LEU D 139 -9.61 18.84 6.46
CA LEU D 139 -8.95 19.24 7.69
C LEU D 139 -7.50 18.72 7.74
N ALA D 140 -6.70 19.48 8.50
CA ALA D 140 -5.36 18.96 8.84
C ALA D 140 -5.12 19.27 10.30
N VAL D 141 -4.69 18.27 11.09
CA VAL D 141 -4.41 18.53 12.49
C VAL D 141 -2.90 18.29 12.72
N LEU D 142 -2.35 19.18 13.55
CA LEU D 142 -1.04 18.90 14.15
C LEU D 142 -1.24 18.40 15.57
N ALA D 143 -0.61 17.24 15.87
CA ALA D 143 -0.74 16.66 17.22
C ALA D 143 0.64 16.72 17.89
N VAL D 144 0.60 17.16 19.11
CA VAL D 144 1.81 17.13 19.99
C VAL D 144 1.46 16.23 21.15
N LEU D 145 2.36 15.24 21.38
CA LEU D 145 2.28 14.35 22.54
C LEU D 145 2.89 15.04 23.76
N ILE D 146 2.22 14.93 24.90
CA ILE D 146 2.64 15.62 26.11
C ILE D 146 2.96 14.60 27.15
N GLU D 147 4.21 14.70 27.72
N GLU D 147 4.20 14.78 27.75
CA GLU D 147 4.62 13.83 28.82
CA GLU D 147 4.77 13.99 28.84
C GLU D 147 4.79 14.63 30.10
C GLU D 147 4.73 14.74 30.17
N MET D 148 4.60 13.99 31.28
CA MET D 148 4.85 14.60 32.58
C MET D 148 6.34 14.87 32.78
N GLY D 149 6.69 16.14 33.02
CA GLY D 149 8.11 16.49 33.15
C GLY D 149 8.24 17.87 33.77
N SER D 150 9.09 18.75 33.20
CA SER D 150 9.25 20.10 33.74
C SER D 150 8.03 20.96 33.50
N PHE D 151 7.89 21.97 34.37
CA PHE D 151 6.93 23.04 34.16
C PHE D 151 7.18 23.68 32.82
N ASN D 152 6.05 23.94 32.10
CA ASN D 152 6.11 24.51 30.77
C ASN D 152 5.44 25.87 30.81
N PRO D 153 6.19 26.98 30.74
CA PRO D 153 5.60 28.32 30.84
C PRO D 153 4.73 28.60 29.61
N SER D 154 5.07 28.00 28.45
CA SER D 154 4.24 28.31 27.27
C SER D 154 2.86 27.69 27.42
N TYR D 155 2.80 26.38 27.73
CA TYR D 155 1.47 25.79 27.93
C TYR D 155 0.72 26.48 29.08
N ASP D 156 1.38 27.06 30.05
CA ASP D 156 0.71 27.74 31.13
C ASP D 156 -0.03 29.00 30.62
N LYS D 157 0.37 29.56 29.48
CA LYS D 157 -0.33 30.70 28.92
C LYS D 157 -1.75 30.29 28.50
N ILE D 158 -2.01 28.97 28.33
CA ILE D 158 -3.38 28.46 28.21
C ILE D 158 -3.86 28.14 29.63
N PHE D 159 -3.10 27.30 30.37
CA PHE D 159 -3.70 26.67 31.52
C PHE D 159 -4.08 27.69 32.60
N SER D 160 -3.35 28.82 32.69
CA SER D 160 -3.63 29.80 33.73
C SER D 160 -5.03 30.38 33.61
N HIS D 161 -5.67 30.26 32.44
CA HIS D 161 -7.00 30.81 32.24
C HIS D 161 -8.10 29.78 32.50
N LEU D 162 -7.77 28.49 32.77
CA LEU D 162 -8.81 27.44 32.75
C LEU D 162 -9.96 27.69 33.73
N GLN D 163 -9.63 28.33 34.86
CA GLN D 163 -10.66 28.58 35.86
C GLN D 163 -11.77 29.49 35.31
N HIS D 164 -11.47 30.24 34.24
CA HIS D 164 -12.42 31.21 33.66
C HIS D 164 -13.36 30.54 32.65
N VAL D 165 -13.13 29.27 32.30
CA VAL D 165 -13.97 28.48 31.40
C VAL D 165 -14.36 27.13 32.02
N LYS D 166 -14.56 27.11 33.35
CA LYS D 166 -14.82 25.89 34.10
C LYS D 166 -16.04 25.13 33.54
N TYR D 167 -17.13 25.81 33.22
CA TYR D 167 -18.36 25.06 32.84
C TYR D 167 -18.70 25.27 31.36
N LYS D 168 -19.48 24.32 30.88
CA LYS D 168 -19.93 24.40 29.50
C LYS D 168 -20.52 25.80 29.23
N GLY D 169 -20.09 26.40 28.11
CA GLY D 169 -20.66 27.66 27.68
C GLY D 169 -19.94 28.90 28.18
N GLN D 170 -18.97 28.74 29.06
CA GLN D 170 -18.14 29.83 29.49
C GLN D 170 -17.05 30.13 28.47
N GLU D 171 -16.67 31.40 28.42
CA GLU D 171 -15.71 31.92 27.45
C GLU D 171 -14.83 32.91 28.18
N ALA D 172 -13.58 33.04 27.74
CA ALA D 172 -12.63 33.99 28.32
C ALA D 172 -11.66 34.38 27.22
N PHE D 173 -11.06 35.54 27.36
CA PHE D 173 -10.04 35.99 26.42
C PHE D 173 -8.65 35.70 26.97
N VAL D 174 -7.81 35.18 26.09
CA VAL D 174 -6.41 34.84 26.41
C VAL D 174 -5.55 35.77 25.54
N PRO D 175 -4.50 36.45 26.09
CA PRO D 175 -3.60 37.23 25.26
C PRO D 175 -2.93 36.31 24.23
N GLY D 176 -2.66 36.84 23.02
CA GLY D 176 -1.85 36.07 22.07
C GLY D 176 -0.46 35.73 22.61
N PHE D 177 0.04 34.64 22.07
CA PHE D 177 1.43 34.31 22.32
C PHE D 177 1.87 33.50 21.10
N ASN D 178 3.15 33.19 21.07
CA ASN D 178 3.65 32.46 19.91
C ASN D 178 3.28 30.98 19.98
N ILE D 179 2.36 30.50 19.15
CA ILE D 179 1.87 29.14 19.21
C ILE D 179 2.98 28.12 18.93
N GLU D 180 4.00 28.55 18.20
N GLU D 180 4.00 28.54 18.17
CA GLU D 180 5.08 27.60 17.91
CA GLU D 180 5.13 27.64 17.91
C GLU D 180 5.86 27.23 19.18
C GLU D 180 5.79 27.18 19.21
N GLU D 181 5.66 27.98 20.28
CA GLU D 181 6.30 27.57 21.54
C GLU D 181 5.63 26.30 22.10
N LEU D 182 4.45 25.88 21.62
CA LEU D 182 3.77 24.65 22.06
C LEU D 182 4.31 23.43 21.29
N LEU D 183 5.02 23.64 20.18
CA LEU D 183 5.52 22.55 19.37
C LEU D 183 6.82 22.00 19.98
N PRO D 184 7.11 20.72 19.69
CA PRO D 184 8.31 20.08 20.23
C PRO D 184 9.55 20.37 19.40
N GLU D 185 10.69 19.87 19.93
CA GLU D 185 11.92 19.87 19.13
C GLU D 185 11.77 19.07 17.84
N ARG D 186 12.52 19.53 16.83
CA ARG D 186 12.70 18.82 15.58
C ARG D 186 11.37 18.50 14.90
N THR D 187 10.64 19.56 14.65
CA THR D 187 9.32 19.40 14.02
C THR D 187 9.44 18.76 12.63
N ALA D 188 10.61 18.78 11.98
CA ALA D 188 10.76 18.12 10.69
C ALA D 188 10.53 16.60 10.80
N GLU D 189 10.58 16.04 12.02
CA GLU D 189 10.42 14.61 12.26
C GLU D 189 8.98 14.37 12.73
N TYR D 190 8.21 13.62 11.93
CA TYR D 190 6.79 13.48 12.25
C TYR D 190 6.25 12.22 11.59
N TYR D 191 5.09 11.78 12.09
CA TYR D 191 4.29 10.73 11.49
C TYR D 191 3.14 11.39 10.72
N ARG D 192 2.74 10.78 9.60
CA ARG D 192 1.67 11.32 8.77
C ARG D 192 0.72 10.18 8.43
N TYR D 193 -0.62 10.39 8.54
CA TYR D 193 -1.52 9.40 7.99
C TYR D 193 -2.88 10.02 7.74
N ARG D 194 -3.69 9.27 7.01
CA ARG D 194 -5.06 9.72 6.73
C ARG D 194 -6.02 9.14 7.75
N GLY D 195 -6.77 10.03 8.39
CA GLY D 195 -7.72 9.58 9.38
C GLY D 195 -8.94 10.48 9.55
N SER D 196 -9.38 10.64 10.79
CA SER D 196 -10.68 11.23 11.06
C SER D 196 -10.61 12.26 12.17
N LEU D 197 -11.74 12.96 12.46
CA LEU D 197 -11.88 13.59 13.76
C LEU D 197 -11.90 12.44 14.77
N THR D 198 -11.32 12.73 15.96
CA THR D 198 -11.38 11.74 17.03
C THR D 198 -12.58 11.95 17.95
N THR D 199 -13.44 12.93 17.58
CA THR D 199 -14.71 13.13 18.26
C THR D 199 -15.83 13.02 17.24
N PRO D 200 -17.06 12.81 17.70
CA PRO D 200 -18.16 13.02 16.76
C PRO D 200 -18.04 14.36 16.08
N PRO D 201 -18.43 14.48 14.77
CA PRO D 201 -19.01 13.39 13.99
C PRO D 201 -18.09 12.39 13.27
N CYS D 202 -16.77 12.42 13.67
CA CYS D 202 -15.77 11.38 13.30
C CYS D 202 -15.53 11.36 11.79
N ASN D 203 -15.79 12.47 11.08
CA ASN D 203 -15.63 12.45 9.63
C ASN D 203 -14.22 12.04 9.21
N PRO D 204 -14.04 11.16 8.20
CA PRO D 204 -12.74 10.74 7.74
C PRO D 204 -12.07 11.74 6.79
N THR D 205 -11.85 12.95 7.31
CA THR D 205 -11.47 14.07 6.50
C THR D 205 -10.21 14.73 7.00
N VAL D 206 -9.47 14.02 7.88
CA VAL D 206 -8.33 14.69 8.56
C VAL D 206 -7.00 14.12 8.13
N LEU D 207 -6.12 15.00 7.63
CA LEU D 207 -4.74 14.59 7.39
C LEU D 207 -3.99 14.87 8.69
N TRP D 208 -3.54 13.76 9.36
CA TRP D 208 -2.87 13.83 10.67
C TRP D 208 -1.38 14.02 10.49
N THR D 209 -0.83 14.87 11.35
CA THR D 209 0.64 15.01 11.51
C THR D 209 0.88 14.95 13.00
N VAL D 210 1.51 13.84 13.47
CA VAL D 210 1.85 13.67 14.88
C VAL D 210 3.36 13.88 14.99
N PHE D 211 3.82 14.92 15.74
CA PHE D 211 5.27 15.08 15.85
C PHE D 211 5.91 13.90 16.58
N ARG D 212 7.15 13.58 16.14
CA ARG D 212 7.88 12.44 16.69
C ARG D 212 8.20 12.68 18.17
N ASN D 213 8.59 13.92 18.51
CA ASN D 213 9.08 14.18 19.86
C ASN D 213 7.95 14.80 20.73
N PRO D 214 7.81 14.41 22.00
CA PRO D 214 6.89 15.02 22.92
C PRO D 214 7.42 16.32 23.50
N VAL D 215 6.49 17.11 24.09
CA VAL D 215 6.83 18.17 25.02
C VAL D 215 6.52 17.74 26.43
N GLN D 216 7.03 18.50 27.44
CA GLN D 216 6.75 18.18 28.81
C GLN D 216 5.93 19.30 29.44
N ILE D 217 5.01 18.92 30.33
CA ILE D 217 4.39 19.82 31.29
C ILE D 217 4.52 19.18 32.68
N SER D 218 4.32 19.96 33.77
CA SER D 218 4.63 19.38 35.08
C SER D 218 3.44 18.56 35.60
N GLN D 219 3.69 17.80 36.63
CA GLN D 219 2.66 17.07 37.35
C GLN D 219 1.57 18.04 37.85
N GLU D 220 1.97 19.22 38.35
CA GLU D 220 1.03 20.22 38.83
C GLU D 220 0.19 20.74 37.69
N GLN D 221 0.77 20.99 36.51
CA GLN D 221 0.00 21.50 35.38
C GLN D 221 -0.99 20.42 35.02
N LEU D 222 -0.59 19.13 34.86
CA LEU D 222 -1.52 18.04 34.53
C LEU D 222 -2.64 17.92 35.56
N LEU D 223 -2.35 17.96 36.84
CA LEU D 223 -3.40 17.85 37.82
C LEU D 223 -4.35 19.06 37.73
N ALA D 224 -3.87 20.29 37.50
CA ALA D 224 -4.76 21.43 37.31
C ALA D 224 -5.64 21.23 36.08
N LEU D 225 -5.05 20.77 34.94
CA LEU D 225 -5.81 20.58 33.73
C LEU D 225 -6.92 19.56 34.02
N GLU D 226 -6.58 18.47 34.72
CA GLU D 226 -7.44 17.30 34.94
C GLU D 226 -8.56 17.60 35.95
N THR D 227 -8.46 18.70 36.69
CA THR D 227 -9.43 19.01 37.73
C THR D 227 -10.12 20.37 37.49
N ALA D 228 -9.77 21.09 36.41
CA ALA D 228 -10.26 22.46 36.21
C ALA D 228 -11.67 22.54 35.56
N LEU D 229 -12.02 21.54 34.74
CA LEU D 229 -13.13 21.72 33.81
C LEU D 229 -14.23 20.70 34.06
N TYR D 230 -15.44 21.12 33.66
CA TYR D 230 -16.66 20.33 33.64
C TYR D 230 -17.21 20.29 32.21
N CYS D 231 -17.88 19.18 31.91
CA CYS D 231 -18.60 19.03 30.66
C CYS D 231 -19.97 19.68 30.71
N THR D 232 -20.44 20.04 31.91
CA THR D 232 -21.84 20.39 32.11
C THR D 232 -21.95 21.89 32.39
N HIS D 233 -23.11 22.47 32.13
N HIS D 233 -23.14 22.44 32.21
CA HIS D 233 -23.38 23.87 32.43
CA HIS D 233 -23.45 23.82 32.52
C HIS D 233 -23.34 24.00 33.94
C HIS D 233 -23.35 23.99 34.04
N MET D 234 -23.01 25.21 34.40
N MET D 234 -23.02 25.22 34.44
CA MET D 234 -22.87 25.50 35.83
CA MET D 234 -22.86 25.60 35.82
C MET D 234 -24.09 25.01 36.61
C MET D 234 -24.08 25.24 36.67
N ASP D 235 -25.29 25.21 36.08
CA ASP D 235 -26.52 24.90 36.81
C ASP D 235 -27.00 23.45 36.64
N ASP D 236 -26.26 22.56 35.95
CA ASP D 236 -26.76 21.21 35.75
C ASP D 236 -26.80 20.49 37.10
N PRO D 237 -27.96 19.91 37.51
CA PRO D 237 -27.99 19.12 38.77
C PRO D 237 -27.18 17.82 38.77
N SER D 238 -26.59 17.46 37.63
CA SER D 238 -25.82 16.24 37.41
C SER D 238 -24.44 16.58 36.88
N PRO D 239 -23.55 17.25 37.64
CA PRO D 239 -22.30 17.72 37.05
C PRO D 239 -21.44 16.55 36.57
N ARG D 240 -20.68 16.75 35.48
CA ARG D 240 -19.76 15.72 35.05
C ARG D 240 -18.42 16.40 34.81
N GLU D 241 -17.36 15.87 35.46
CA GLU D 241 -16.00 16.36 35.27
C GLU D 241 -15.49 16.08 33.86
N MET D 242 -14.75 17.03 33.30
CA MET D 242 -14.11 16.85 32.03
C MET D 242 -12.78 16.14 32.23
N ILE D 243 -12.90 14.80 32.20
CA ILE D 243 -11.75 13.94 32.46
C ILE D 243 -11.78 12.79 31.42
N ASN D 244 -10.64 12.18 31.17
CA ASN D 244 -10.56 11.03 30.27
C ASN D 244 -11.24 11.30 28.92
N ASN D 245 -10.94 12.45 28.36
CA ASN D 245 -11.61 12.89 27.13
C ASN D 245 -10.73 12.50 25.94
N PHE D 246 -10.40 11.20 25.87
CA PHE D 246 -9.65 10.69 24.74
C PHE D 246 -10.39 9.46 24.24
N ARG D 247 -10.32 9.28 22.93
CA ARG D 247 -10.90 8.10 22.30
C ARG D 247 -9.92 6.94 22.30
N GLN D 248 -10.39 5.72 22.47
CA GLN D 248 -9.44 4.58 22.30
C GLN D 248 -8.88 4.57 20.89
N VAL D 249 -7.68 3.95 20.74
CA VAL D 249 -7.17 3.70 19.39
C VAL D 249 -8.08 2.79 18.53
N GLN D 250 -7.95 2.90 17.22
CA GLN D 250 -8.83 2.30 16.24
C GLN D 250 -8.09 1.25 15.43
N LYS D 251 -8.85 0.35 14.80
CA LYS D 251 -8.27 -0.56 13.81
C LYS D 251 -7.65 0.24 12.66
N PHE D 252 -6.55 -0.31 12.12
CA PHE D 252 -5.85 0.33 11.02
C PHE D 252 -6.57 0.36 9.66
N ASP D 253 -7.48 -0.58 9.37
CA ASP D 253 -8.20 -0.55 8.08
C ASP D 253 -7.18 -0.52 6.93
N GLU D 254 -6.03 -1.25 7.09
CA GLU D 254 -5.02 -1.45 6.05
C GLU D 254 -4.11 -0.23 5.81
N ARG D 255 -4.31 0.86 6.58
CA ARG D 255 -3.46 2.04 6.45
C ARG D 255 -2.01 1.74 6.93
N LEU D 256 -1.06 2.44 6.31
CA LEU D 256 0.26 2.66 6.87
C LEU D 256 0.36 4.06 7.44
N VAL D 257 1.33 4.26 8.31
CA VAL D 257 1.68 5.58 8.82
C VAL D 257 3.04 5.90 8.24
N TYR D 258 3.14 7.03 7.56
CA TYR D 258 4.35 7.39 6.84
C TYR D 258 5.18 8.30 7.75
N THR D 259 6.52 8.10 7.68
CA THR D 259 7.37 8.86 8.56
C THR D 259 8.36 9.72 7.76
N SER D 260 8.74 10.89 8.32
CA SER D 260 9.74 11.75 7.70
C SER D 260 11.14 11.41 8.20
N PHE D 261 11.23 10.36 9.02
CA PHE D 261 12.52 9.93 9.60
C PHE D 261 12.57 8.40 9.49
N SER D 262 13.77 7.84 9.58
CA SER D 262 14.05 6.41 9.74
C SER D 262 14.60 6.21 11.14
N GLN D 263 15.53 7.10 11.48
CA GLN D 263 16.09 7.56 12.74
C GLN D 263 15.68 6.73 13.97
#